data_4BFY
#
_entry.id   4BFY
#
_cell.length_a   88.290
_cell.length_b   149.280
_cell.length_c   61.910
_cell.angle_alpha   90.00
_cell.angle_beta   90.00
_cell.angle_gamma   90.00
#
_symmetry.space_group_name_H-M   'P 21 21 2'
#
loop_
_entity.id
_entity.type
_entity.pdbx_description
1 polymer 'PANTOTHENATE KINASE'
2 non-polymer 'PHOSPHATE ION'
3 non-polymer '2-[4-(4-cyanophenyl)-3-[(4-pyridin-2-ylpiperazin-1-yl)methyl]phenoxy]acetic acid'
4 water water
#
_entity_poly.entity_id   1
_entity_poly.type   'polypeptide(L)'
_entity_poly.pdbx_seq_one_letter_code
;HHHHHHMSRLSEPSPYVEFDRRQWRALRMSTPLALTEEELVGLRGLGEQIDLLEVEEVYLPLARLIHLQVAARQRLFAAT
AEFLGEPQQNPDRPVPFIIGVAGSVAVGKSTTARVLQALLARWDHHPRVDLVTTDGFLYPNAELQRRNLMHRKGFPESYN
RRALMRFVTSVKSGSDYACAPVYSHLHYDIIPGAEQVVRHPDILILEGLNVLQTGPTLMVSDLFDFSLYVDARIEDIEQW
YVSRFLAMRTTAFADPESHFHHYAAFSDSQAVVAAREIWRTINRPNLVENILPTRPRATLVLRKDADHSINRLRLRKL
;
_entity_poly.pdbx_strand_id   A,B
#
loop_
_chem_comp.id
_chem_comp.type
_chem_comp.name
_chem_comp.formula
PO4 non-polymer 'PHOSPHATE ION' 'O4 P -3'
ZVY non-polymer '2-[4-(4-cyanophenyl)-3-[(4-pyridin-2-ylpiperazin-1-yl)methyl]phenoxy]acetic acid' 'C25 H24 N4 O3'
#
# COMPACT_ATOMS: atom_id res chain seq x y z
N PRO A 13 -21.62 -4.03 3.21
CA PRO A 13 -20.38 -4.33 3.93
C PRO A 13 -19.20 -3.39 3.60
N SER A 14 -18.16 -3.49 4.43
CA SER A 14 -17.01 -2.57 4.49
C SER A 14 -15.71 -3.31 4.84
N PRO A 15 -14.54 -2.80 4.39
CA PRO A 15 -13.29 -3.51 4.70
C PRO A 15 -12.76 -3.27 6.13
N TYR A 16 -13.54 -2.54 6.92
CA TYR A 16 -13.20 -2.24 8.31
C TYR A 16 -14.13 -2.97 9.27
N VAL A 17 -13.59 -3.45 10.39
CA VAL A 17 -14.42 -3.82 11.53
C VAL A 17 -14.54 -2.53 12.32
N GLU A 18 -15.73 -2.27 12.86
CA GLU A 18 -15.95 -1.05 13.64
C GLU A 18 -16.41 -1.34 15.06
N PHE A 19 -15.69 -0.74 16.01
CA PHE A 19 -16.06 -0.70 17.43
C PHE A 19 -16.15 0.75 17.85
N ASP A 20 -17.09 1.04 18.73
CA ASP A 20 -17.08 2.34 19.37
C ASP A 20 -16.37 2.23 20.71
N ARG A 21 -16.52 3.28 21.51
CA ARG A 21 -15.82 3.41 22.77
C ARG A 21 -16.25 2.36 23.78
N ARG A 22 -17.55 2.18 23.92
CA ARG A 22 -18.11 1.25 24.91
C ARG A 22 -17.71 -0.16 24.52
N GLN A 23 -17.99 -0.52 23.27
CA GLN A 23 -17.73 -1.88 22.77
C GLN A 23 -16.26 -2.19 23.02
N TRP A 24 -15.37 -1.34 22.53
CA TRP A 24 -13.94 -1.54 22.75
C TRP A 24 -13.57 -1.77 24.23
N ARG A 25 -14.07 -0.92 25.13
CA ARG A 25 -13.81 -1.06 26.57
C ARG A 25 -14.30 -2.39 27.08
N ALA A 26 -15.57 -2.66 26.81
CA ALA A 26 -16.29 -3.80 27.37
C ALA A 26 -15.80 -5.16 26.85
N LEU A 27 -14.77 -5.17 26.00
CA LEU A 27 -14.34 -6.42 25.35
C LEU A 27 -13.61 -7.39 26.28
N ARG A 28 -13.92 -8.69 26.07
CA ARG A 28 -13.23 -9.80 26.69
C ARG A 28 -11.85 -9.92 26.06
N MET A 29 -10.87 -9.23 26.65
CA MET A 29 -9.49 -9.28 26.19
C MET A 29 -8.93 -10.61 26.65
N SER A 30 -8.05 -11.21 25.85
CA SER A 30 -7.49 -12.52 26.19
C SER A 30 -6.26 -12.46 27.11
N THR A 31 -5.88 -11.26 27.55
CA THR A 31 -4.83 -11.09 28.55
C THR A 31 -5.22 -10.14 29.66
N PRO A 32 -4.79 -10.43 30.90
CA PRO A 32 -4.76 -9.33 31.86
C PRO A 32 -3.65 -8.34 31.48
N LEU A 33 -3.98 -7.40 30.58
CA LEU A 33 -3.07 -6.31 30.23
C LEU A 33 -3.26 -5.12 31.20
N ALA A 34 -2.40 -5.02 32.19
CA ALA A 34 -2.37 -3.87 33.08
C ALA A 34 -1.02 -3.16 32.96
N LEU A 35 -1.06 -1.85 33.09
CA LEU A 35 0.17 -1.09 33.05
C LEU A 35 0.85 -1.12 34.43
N THR A 36 2.17 -1.26 34.43
CA THR A 36 2.92 -1.36 35.68
C THR A 36 3.06 -0.03 36.43
N GLU A 37 4.26 0.24 36.93
CA GLU A 37 4.39 1.16 38.06
C GLU A 37 4.32 2.67 37.79
N GLU A 38 5.36 3.39 37.34
CA GLU A 38 6.58 3.04 36.58
C GLU A 38 6.32 3.07 35.08
N GLU A 39 5.24 2.40 34.69
CA GLU A 39 4.73 2.53 33.35
C GLU A 39 3.97 3.85 33.30
N LEU A 40 3.01 4.01 34.22
CA LEU A 40 2.21 5.23 34.31
C LEU A 40 3.06 6.48 34.59
N VAL A 41 4.11 6.32 35.39
CA VAL A 41 5.01 7.42 35.70
C VAL A 41 5.74 7.96 34.44
N GLY A 42 6.37 7.06 33.68
CA GLY A 42 7.06 7.44 32.43
C GLY A 42 6.11 8.02 31.38
N LEU A 43 4.84 7.64 31.48
CA LEU A 43 3.77 8.08 30.57
C LEU A 43 3.21 9.42 30.96
N ARG A 44 3.39 9.76 32.23
CA ARG A 44 3.09 11.07 32.73
C ARG A 44 4.21 11.96 32.18
N GLY A 45 5.35 11.34 31.90
CA GLY A 45 6.52 12.01 31.32
C GLY A 45 6.35 12.64 29.95
N LEU A 46 5.26 12.28 29.25
CA LEU A 46 4.86 12.94 27.99
C LEU A 46 3.69 13.84 28.30
N GLY A 47 3.26 13.78 29.57
CA GLY A 47 1.93 14.12 30.08
C GLY A 47 1.42 15.54 30.07
N GLU A 48 1.58 16.19 28.93
CA GLU A 48 0.77 17.33 28.52
C GLU A 48 -0.71 16.93 28.72
N GLN A 49 -1.11 16.87 29.99
CA GLN A 49 -2.38 16.26 30.42
C GLN A 49 -2.83 15.08 29.54
N ILE A 50 -1.96 14.08 29.45
CA ILE A 50 -2.30 12.81 28.85
C ILE A 50 -3.28 12.09 29.75
N ASP A 51 -4.38 11.65 29.16
CA ASP A 51 -5.40 10.92 29.91
C ASP A 51 -4.98 9.45 30.11
N LEU A 52 -4.45 9.10 31.30
CA LEU A 52 -3.94 7.75 31.52
C LEU A 52 -5.02 6.66 31.51
N LEU A 53 -6.28 7.00 31.82
CA LEU A 53 -7.35 6.00 31.61
C LEU A 53 -7.48 5.64 30.14
N GLU A 54 -7.50 6.64 29.25
CA GLU A 54 -7.47 6.38 27.79
C GLU A 54 -6.26 5.53 27.38
N VAL A 55 -5.10 5.83 27.98
CA VAL A 55 -3.89 5.10 27.65
C VAL A 55 -4.09 3.63 28.02
N GLU A 56 -4.57 3.36 29.24
CA GLU A 56 -4.76 1.96 29.64
C GLU A 56 -5.87 1.28 28.86
N GLU A 57 -7.00 1.94 28.65
CA GLU A 57 -8.22 1.29 28.13
C GLU A 57 -8.37 1.26 26.62
N VAL A 58 -7.55 2.06 25.93
CA VAL A 58 -7.68 2.20 24.49
C VAL A 58 -6.36 1.96 23.79
N TYR A 59 -5.34 2.75 24.15
CA TYR A 59 -4.04 2.67 23.50
C TYR A 59 -3.34 1.35 23.71
N LEU A 60 -3.39 0.84 24.96
CA LEU A 60 -2.72 -0.44 25.27
C LEU A 60 -3.27 -1.67 24.50
N PRO A 61 -4.60 -1.85 24.49
CA PRO A 61 -5.17 -2.85 23.60
C PRO A 61 -4.72 -2.65 22.14
N LEU A 62 -4.77 -1.40 21.70
CA LEU A 62 -4.35 -1.05 20.37
C LEU A 62 -2.86 -1.41 20.16
N ALA A 63 -2.02 -1.15 21.16
CA ALA A 63 -0.59 -1.46 21.05
C ALA A 63 -0.38 -2.95 20.92
N ARG A 64 -1.20 -3.71 21.63
CA ARG A 64 -1.13 -5.17 21.64
C ARG A 64 -1.54 -5.68 20.27
N LEU A 65 -2.54 -5.03 19.70
CA LEU A 65 -3.02 -5.42 18.42
C LEU A 65 -1.94 -5.17 17.36
N ILE A 66 -1.29 -4.01 17.44
CA ILE A 66 -0.19 -3.74 16.51
C ILE A 66 0.97 -4.73 16.74
N HIS A 67 1.22 -5.05 18.00
CA HIS A 67 2.25 -6.03 18.34
C HIS A 67 2.07 -7.37 17.59
N LEU A 68 0.84 -7.84 17.52
CA LEU A 68 0.57 -9.09 16.82
C LEU A 68 1.07 -9.01 15.39
N GLN A 69 0.90 -7.84 14.77
CA GLN A 69 1.30 -7.66 13.37
C GLN A 69 2.79 -7.63 13.26
N VAL A 70 3.46 -6.99 14.22
CA VAL A 70 4.94 -6.93 14.22
C VAL A 70 5.58 -8.31 14.39
N ALA A 71 4.96 -9.13 15.25
CA ALA A 71 5.49 -10.45 15.58
C ALA A 71 5.23 -11.42 14.45
N ALA A 72 4.08 -11.30 13.80
CA ALA A 72 3.76 -12.10 12.64
C ALA A 72 4.79 -11.83 11.53
N ARG A 73 5.05 -10.56 11.27
CA ARG A 73 6.02 -10.19 10.23
C ARG A 73 7.42 -10.68 10.61
N GLN A 74 7.79 -10.56 11.88
CA GLN A 74 9.08 -11.06 12.35
C GLN A 74 9.24 -12.57 12.10
N ARG A 75 8.19 -13.34 12.33
CA ARG A 75 8.22 -14.78 12.06
C ARG A 75 8.16 -15.15 10.57
N LEU A 76 7.38 -14.38 9.81
CA LEU A 76 7.39 -14.51 8.37
C LEU A 76 8.81 -14.28 7.89
N PHE A 77 9.47 -13.25 8.40
CA PHE A 77 10.84 -13.02 8.01
C PHE A 77 11.66 -14.32 8.18
N ALA A 78 11.51 -14.94 9.33
CA ALA A 78 12.19 -16.18 9.65
C ALA A 78 11.76 -17.37 8.81
N ALA A 79 10.46 -17.48 8.49
CA ALA A 79 10.00 -18.64 7.74
C ALA A 79 10.62 -18.53 6.35
N THR A 80 10.58 -17.31 5.85
CA THR A 80 10.98 -17.02 4.50
C THR A 80 12.47 -17.26 4.33
N ALA A 81 13.29 -16.70 5.25
CA ALA A 81 14.76 -16.86 5.19
C ALA A 81 15.14 -18.33 5.30
N GLU A 82 14.40 -19.07 6.12
CA GLU A 82 14.67 -20.49 6.27
C GLU A 82 14.36 -21.20 4.97
N PHE A 83 13.25 -20.83 4.35
CA PHE A 83 12.85 -21.41 3.08
C PHE A 83 13.91 -21.17 1.99
N LEU A 84 14.44 -19.97 1.89
CA LEU A 84 15.52 -19.74 0.95
C LEU A 84 16.88 -20.24 1.47
N GLY A 85 16.91 -21.09 2.52
CA GLY A 85 18.17 -21.53 3.15
C GLY A 85 19.17 -20.41 3.40
N GLU A 86 18.73 -19.38 4.13
CA GLU A 86 19.41 -18.07 4.30
C GLU A 86 20.57 -17.74 3.37
N PRO A 87 20.25 -17.19 2.19
CA PRO A 87 21.26 -16.77 1.23
C PRO A 87 22.07 -15.58 1.75
N GLN A 88 23.30 -15.48 1.28
CA GLN A 88 24.20 -14.40 1.65
C GLN A 88 23.57 -13.02 1.40
N GLN A 89 22.84 -12.88 0.28
CA GLN A 89 22.19 -11.61 -0.13
C GLN A 89 20.90 -11.27 0.65
N ASN A 90 20.36 -12.22 1.39
CA ASN A 90 19.26 -11.95 2.31
C ASN A 90 19.69 -11.27 3.62
N PRO A 91 18.93 -10.26 4.09
CA PRO A 91 19.38 -9.64 5.33
C PRO A 91 19.20 -10.57 6.54
N ASP A 92 19.87 -10.25 7.65
CA ASP A 92 19.94 -11.17 8.79
C ASP A 92 18.87 -10.91 9.85
N ARG A 93 18.20 -9.77 9.75
CA ARG A 93 17.09 -9.43 10.66
C ARG A 93 15.98 -8.86 9.83
N PRO A 94 14.74 -8.88 10.34
CA PRO A 94 13.69 -8.12 9.67
C PRO A 94 14.08 -6.65 9.66
N VAL A 95 13.78 -5.98 8.55
CA VAL A 95 14.04 -4.57 8.45
C VAL A 95 13.06 -3.90 9.39
N PRO A 96 13.26 -2.62 9.70
CA PRO A 96 12.28 -1.99 10.56
C PRO A 96 10.81 -2.14 10.12
N PHE A 97 9.91 -2.27 11.09
CA PHE A 97 8.49 -2.27 10.81
C PHE A 97 8.03 -0.80 10.92
N ILE A 98 7.48 -0.25 9.83
CA ILE A 98 7.18 1.17 9.77
C ILE A 98 5.69 1.52 9.86
N ILE A 99 5.37 2.46 10.77
CA ILE A 99 3.98 2.84 11.04
C ILE A 99 3.68 4.30 10.72
N GLY A 100 2.80 4.55 9.76
CA GLY A 100 2.40 5.93 9.46
C GLY A 100 1.36 6.41 10.47
N VAL A 101 1.47 7.67 10.88
CA VAL A 101 0.40 8.36 11.60
C VAL A 101 0.10 9.69 10.94
N ALA A 102 -1.14 9.83 10.47
CA ALA A 102 -1.58 10.98 9.74
C ALA A 102 -2.84 11.59 10.36
N GLY A 103 -3.14 12.81 9.93
CA GLY A 103 -4.34 13.47 10.37
C GLY A 103 -4.16 14.96 10.24
N SER A 104 -5.25 15.69 10.52
CA SER A 104 -5.27 17.14 10.50
C SER A 104 -4.28 17.73 11.48
N VAL A 105 -3.81 18.94 11.17
CA VAL A 105 -3.03 19.71 12.14
C VAL A 105 -3.90 19.82 13.39
N ALA A 106 -3.25 19.71 14.56
CA ALA A 106 -3.88 19.86 15.90
C ALA A 106 -4.95 18.79 16.22
N VAL A 107 -4.87 17.67 15.54
CA VAL A 107 -5.74 16.56 15.88
C VAL A 107 -5.12 15.71 16.99
N GLY A 108 -3.82 15.85 17.24
CA GLY A 108 -3.15 15.09 18.28
C GLY A 108 -2.35 13.92 17.77
N LYS A 109 -1.94 13.96 16.50
CA LYS A 109 -1.15 12.89 15.90
C LYS A 109 0.01 12.62 16.80
N SER A 110 0.69 13.68 17.17
CA SER A 110 1.99 13.55 17.76
C SER A 110 1.90 12.95 19.17
N THR A 111 0.80 13.25 19.86
CA THR A 111 0.57 12.65 21.15
C THR A 111 0.32 11.16 20.98
N THR A 112 -0.57 10.84 20.05
CA THR A 112 -0.93 9.47 19.73
C THR A 112 0.30 8.64 19.35
N ALA A 113 1.18 9.23 18.56
CA ALA A 113 2.41 8.60 18.14
C ALA A 113 3.39 8.41 19.28
N ARG A 114 3.57 9.43 20.12
CA ARG A 114 4.42 9.27 21.30
C ARG A 114 3.89 8.20 22.30
N VAL A 115 2.58 8.15 22.48
CA VAL A 115 2.00 7.13 23.37
C VAL A 115 2.21 5.72 22.82
N LEU A 116 1.93 5.53 21.54
CA LEU A 116 2.21 4.27 20.86
C LEU A 116 3.68 3.89 20.92
N GLN A 117 4.58 4.87 20.83
CA GLN A 117 5.97 4.57 20.85
C GLN A 117 6.34 4.04 22.25
N ALA A 118 5.73 4.64 23.27
CA ALA A 118 5.95 4.18 24.64
C ALA A 118 5.32 2.79 24.86
N LEU A 119 4.09 2.56 24.40
CA LEU A 119 3.45 1.23 24.63
C LEU A 119 4.07 0.07 23.84
N LEU A 120 4.47 0.32 22.59
CA LEU A 120 5.00 -0.76 21.75
C LEU A 120 6.39 -1.26 22.19
N ALA A 121 7.22 -0.35 22.73
CA ALA A 121 8.57 -0.67 23.19
C ALA A 121 8.58 -1.62 24.39
N ARG A 122 7.44 -1.83 25.03
CA ARG A 122 7.48 -2.71 26.20
C ARG A 122 7.54 -4.23 25.91
N TRP A 123 7.34 -4.65 24.66
CA TRP A 123 7.54 -6.06 24.31
C TRP A 123 9.02 -6.34 23.98
N ASP A 124 9.52 -7.49 24.42
CA ASP A 124 10.90 -7.92 24.12
C ASP A 124 11.14 -8.24 22.64
N HIS A 125 10.07 -8.58 21.92
CA HIS A 125 10.13 -8.75 20.45
C HIS A 125 10.66 -7.50 19.69
N HIS A 126 10.50 -6.32 20.27
CA HIS A 126 10.81 -5.08 19.56
C HIS A 126 10.92 -3.91 20.53
N PRO A 127 11.95 -3.92 21.40
CA PRO A 127 12.00 -2.88 22.43
C PRO A 127 12.46 -1.54 21.88
N ARG A 128 12.85 -1.50 20.62
CA ARG A 128 13.44 -0.26 20.07
C ARG A 128 12.56 0.45 19.04
N VAL A 129 11.77 1.40 19.52
CA VAL A 129 10.78 2.11 18.71
C VAL A 129 11.27 3.55 18.52
N ASP A 130 11.48 3.97 17.27
CA ASP A 130 11.82 5.36 17.01
C ASP A 130 10.63 6.15 16.50
N LEU A 131 10.72 7.46 16.64
CA LEU A 131 9.66 8.33 16.14
C LEU A 131 10.25 9.46 15.31
N VAL A 132 9.76 9.62 14.08
CA VAL A 132 10.17 10.74 13.27
C VAL A 132 8.94 11.46 12.75
N THR A 133 9.01 12.78 12.73
CA THR A 133 7.94 13.54 12.10
C THR A 133 8.38 14.03 10.73
N THR A 134 7.44 14.04 9.78
CA THR A 134 7.71 14.60 8.48
C THR A 134 7.88 16.10 8.53
N ASP A 135 7.51 16.74 9.64
CA ASP A 135 7.81 18.17 9.84
C ASP A 135 9.30 18.50 9.53
N GLY A 136 10.20 17.53 9.67
CA GLY A 136 11.62 17.81 9.54
C GLY A 136 12.03 17.87 8.09
N PHE A 137 11.11 17.51 7.21
CA PHE A 137 11.36 17.47 5.76
C PHE A 137 10.67 18.62 5.01
N LEU A 138 10.05 19.52 5.76
CA LEU A 138 9.61 20.79 5.21
C LEU A 138 10.84 21.49 4.64
N TYR A 139 10.66 22.29 3.59
CA TYR A 139 11.75 23.13 3.11
C TYR A 139 11.96 24.25 4.11
N PRO A 140 13.21 24.71 4.26
CA PRO A 140 13.38 25.84 5.16
C PRO A 140 12.54 27.05 4.74
N ASN A 141 12.14 27.86 5.70
CA ASN A 141 11.40 29.10 5.42
C ASN A 141 11.94 29.93 4.23
N ALA A 142 13.26 30.08 4.15
CA ALA A 142 13.87 30.80 3.03
C ALA A 142 13.57 30.14 1.67
N GLU A 143 13.61 28.81 1.62
CA GLU A 143 13.21 28.12 0.41
C GLU A 143 11.69 28.27 0.19
N LEU A 144 10.93 28.29 1.28
CA LEU A 144 9.50 28.43 1.15
C LEU A 144 9.05 29.76 0.54
N GLN A 145 9.66 30.88 0.97
CA GLN A 145 9.26 32.19 0.42
C GLN A 145 9.65 32.21 -1.05
N ARG A 146 10.89 31.78 -1.30
CA ARG A 146 11.45 31.63 -2.65
C ARG A 146 10.50 30.94 -3.60
N ARG A 147 9.60 30.10 -3.07
CA ARG A 147 8.65 29.35 -3.91
C ARG A 147 7.22 29.81 -3.83
N ASN A 148 6.97 30.97 -3.21
CA ASN A 148 5.60 31.46 -2.94
C ASN A 148 4.80 30.40 -2.17
N LEU A 149 5.40 29.85 -1.13
CA LEU A 149 4.80 28.74 -0.43
C LEU A 149 4.68 28.95 1.10
N MET A 150 5.18 30.08 1.60
CA MET A 150 5.10 30.39 3.03
C MET A 150 3.68 30.21 3.57
N HIS A 151 2.66 30.39 2.73
CA HIS A 151 1.28 30.35 3.18
C HIS A 151 0.71 28.96 2.96
N ARG A 152 1.54 28.05 2.47
CA ARG A 152 1.07 26.69 2.27
C ARG A 152 1.92 25.68 3.02
N LYS A 153 2.52 26.08 4.16
CA LYS A 153 3.26 25.14 5.01
C LYS A 153 2.35 23.99 5.45
N GLY A 154 2.80 22.75 5.23
CA GLY A 154 1.97 21.54 5.40
C GLY A 154 1.18 21.10 4.18
N PHE A 155 1.13 21.92 3.13
CA PHE A 155 0.62 21.43 1.86
C PHE A 155 1.71 20.49 1.28
N PRO A 156 1.33 19.56 0.36
CA PRO A 156 2.33 18.57 -0.11
C PRO A 156 3.61 19.15 -0.71
N GLU A 157 3.52 20.22 -1.51
CA GLU A 157 4.72 20.79 -2.15
C GLU A 157 5.65 21.48 -1.17
N SER A 158 5.22 21.61 0.08
CA SER A 158 6.02 22.35 1.04
C SER A 158 7.11 21.46 1.65
N TYR A 159 7.04 20.16 1.32
CA TYR A 159 8.01 19.22 1.79
C TYR A 159 8.96 18.86 0.68
N ASN A 160 10.22 18.67 1.05
CA ASN A 160 11.14 18.02 0.17
C ASN A 160 10.79 16.54 0.06
N ARG A 161 9.84 16.22 -0.81
CA ARG A 161 9.36 14.86 -0.98
C ARG A 161 10.43 13.87 -1.39
N ARG A 162 11.45 14.35 -2.09
CA ARG A 162 12.52 13.51 -2.58
C ARG A 162 13.39 13.07 -1.41
N ALA A 163 13.78 14.02 -0.57
CA ALA A 163 14.61 13.67 0.58
C ALA A 163 13.88 12.72 1.56
N LEU A 164 12.57 12.94 1.71
CA LEU A 164 11.70 12.16 2.59
C LEU A 164 11.66 10.73 2.08
N MET A 165 11.43 10.58 0.78
CA MET A 165 11.41 9.26 0.15
C MET A 165 12.75 8.53 0.35
N ARG A 166 13.85 9.23 0.12
CA ARG A 166 15.18 8.68 0.33
C ARG A 166 15.36 8.18 1.77
N PHE A 167 14.82 8.93 2.72
CA PHE A 167 14.88 8.57 4.13
C PHE A 167 14.15 7.27 4.42
N VAL A 168 12.86 7.21 4.14
CA VAL A 168 12.04 6.01 4.45
C VAL A 168 12.57 4.77 3.73
N THR A 169 12.98 4.96 2.48
CA THR A 169 13.56 3.89 1.67
C THR A 169 14.79 3.32 2.35
N SER A 170 15.67 4.21 2.80
CA SER A 170 16.92 3.82 3.42
C SER A 170 16.68 2.99 4.68
N VAL A 171 15.67 3.41 5.47
CA VAL A 171 15.29 2.67 6.67
C VAL A 171 14.65 1.34 6.31
N LYS A 172 13.74 1.31 5.34
CA LYS A 172 13.12 0.05 4.89
C LYS A 172 14.04 -0.87 4.12
N SER A 173 15.20 -0.33 3.71
CA SER A 173 16.30 -1.11 3.10
C SER A 173 17.14 -1.86 4.12
N GLY A 174 17.07 -1.41 5.37
CA GLY A 174 17.82 -2.03 6.44
C GLY A 174 19.17 -1.40 6.73
N SER A 175 19.40 -0.14 6.30
CA SER A 175 20.63 0.60 6.66
C SER A 175 20.95 0.65 8.14
N ASP A 176 22.23 0.80 8.45
CA ASP A 176 22.72 0.92 9.83
C ASP A 176 22.33 2.27 10.36
N TYR A 177 22.42 3.29 9.50
CA TYR A 177 21.87 4.58 9.85
C TYR A 177 21.16 5.30 8.71
N ALA A 178 20.32 6.25 9.10
CA ALA A 178 19.64 7.14 8.19
C ALA A 178 19.32 8.43 8.95
N CYS A 179 19.58 9.59 8.33
CA CYS A 179 19.43 10.89 9.00
C CYS A 179 18.19 11.61 8.50
N ALA A 180 17.59 12.45 9.34
CA ALA A 180 16.49 13.32 8.94
C ALA A 180 16.73 14.71 9.53
N PRO A 181 16.39 15.78 8.80
CA PRO A 181 16.56 17.10 9.38
C PRO A 181 15.60 17.30 10.56
N VAL A 182 15.65 18.46 11.20
CA VAL A 182 14.96 18.64 12.46
C VAL A 182 14.26 19.97 12.39
N TYR A 183 13.00 19.98 12.81
CA TYR A 183 12.22 21.17 12.72
C TYR A 183 12.01 21.77 14.11
N SER A 184 12.32 23.07 14.28
CA SER A 184 11.98 23.77 15.54
C SER A 184 10.57 24.34 15.45
N HIS A 185 9.65 23.79 16.26
CA HIS A 185 8.26 24.23 16.29
C HIS A 185 8.08 25.62 16.92
N LEU A 186 8.98 26.00 17.83
CA LEU A 186 8.98 27.33 18.45
C LEU A 186 9.56 28.40 17.52
N HIS A 187 10.42 28.02 16.57
CA HIS A 187 10.93 29.02 15.64
C HIS A 187 10.31 28.89 14.26
N TYR A 188 9.42 27.91 14.10
CA TYR A 188 8.71 27.70 12.86
C TYR A 188 9.66 27.47 11.69
N ASP A 189 10.78 26.80 11.92
CA ASP A 189 11.73 26.58 10.83
C ASP A 189 12.63 25.38 11.10
N ILE A 190 13.27 24.92 10.04
CA ILE A 190 14.36 23.95 10.17
C ILE A 190 15.52 24.56 10.94
N ILE A 191 16.08 23.73 11.82
CA ILE A 191 17.28 24.06 12.59
C ILE A 191 18.47 23.66 11.71
N PRO A 192 19.21 24.67 11.20
CA PRO A 192 20.31 24.30 10.31
C PRO A 192 21.35 23.45 11.04
N GLY A 193 21.76 22.36 10.40
CA GLY A 193 22.80 21.49 10.93
C GLY A 193 22.32 20.36 11.83
N ALA A 194 21.12 20.49 12.40
CA ALA A 194 20.55 19.45 13.28
C ALA A 194 20.21 18.22 12.46
N GLU A 195 20.24 17.06 13.10
CA GLU A 195 19.91 15.81 12.41
C GLU A 195 19.37 14.86 13.42
N GLN A 196 18.37 14.06 13.05
CA GLN A 196 17.98 12.93 13.90
C GLN A 196 18.44 11.65 13.24
N VAL A 197 19.13 10.82 13.98
CA VAL A 197 19.80 9.69 13.37
C VAL A 197 19.11 8.42 13.82
N VAL A 198 18.53 7.72 12.88
CA VAL A 198 17.76 6.51 13.11
C VAL A 198 18.62 5.26 12.76
N ARG A 199 18.67 4.26 13.66
CA ARG A 199 19.60 3.14 13.52
C ARG A 199 18.95 1.76 13.51
N HIS A 200 18.31 1.42 12.41
CA HIS A 200 17.55 0.18 12.29
C HIS A 200 16.75 -0.09 13.55
N PRO A 201 15.80 0.79 13.90
CA PRO A 201 15.00 0.37 15.04
C PRO A 201 14.20 -0.86 14.65
N ASP A 202 13.59 -1.51 15.62
CA ASP A 202 12.63 -2.57 15.31
C ASP A 202 11.41 -1.95 14.67
N ILE A 203 10.97 -0.80 15.19
CA ILE A 203 9.78 -0.14 14.73
C ILE A 203 10.14 1.30 14.59
N LEU A 204 9.70 1.88 13.49
CA LEU A 204 9.80 3.30 13.28
C LEU A 204 8.38 3.82 13.05
N ILE A 205 7.98 4.79 13.82
CA ILE A 205 6.74 5.51 13.60
C ILE A 205 7.09 6.76 12.89
N LEU A 206 6.38 7.02 11.79
CA LEU A 206 6.54 8.23 11.00
C LEU A 206 5.24 9.01 11.00
N GLU A 207 5.27 10.17 11.68
CA GLU A 207 4.11 11.00 11.96
C GLU A 207 4.12 12.21 11.08
N GLY A 208 2.98 12.51 10.43
CA GLY A 208 2.85 13.74 9.66
C GLY A 208 1.52 13.92 8.95
N LEU A 209 1.26 15.15 8.54
CA LEU A 209 0.13 15.52 7.67
C LEU A 209 0.05 14.68 6.40
N ASN A 210 1.21 14.35 5.84
CA ASN A 210 1.31 13.98 4.46
C ASN A 210 1.67 12.54 4.29
N VAL A 211 1.84 11.82 5.40
CA VAL A 211 2.40 10.46 5.31
C VAL A 211 1.53 9.49 4.50
N LEU A 212 0.22 9.70 4.44
CA LEU A 212 -0.60 8.75 3.62
C LEU A 212 -0.94 9.25 2.23
N GLN A 213 -0.27 10.33 1.83
CA GLN A 213 -0.52 10.93 0.54
C GLN A 213 0.01 10.13 -0.61
N THR A 214 -0.78 10.20 -1.66
CA THR A 214 -0.56 9.62 -2.96
C THR A 214 0.40 10.43 -3.85
N GLY A 215 1.09 9.75 -4.75
CA GLY A 215 1.91 10.42 -5.76
C GLY A 215 2.19 9.46 -6.93
N PRO A 216 2.42 10.00 -8.14
CA PRO A 216 2.57 9.17 -9.35
C PRO A 216 3.85 8.34 -9.24
N THR A 217 4.72 8.85 -8.37
CA THR A 217 5.97 8.28 -7.95
C THR A 217 5.73 6.95 -7.13
N LEU A 218 6.79 6.30 -6.64
CA LEU A 218 6.63 5.36 -5.51
C LEU A 218 6.57 6.26 -4.25
N MET A 219 5.44 6.23 -3.52
CA MET A 219 5.23 7.14 -2.37
C MET A 219 5.70 6.53 -1.03
N VAL A 220 5.92 7.33 0.01
CA VAL A 220 6.40 6.75 1.30
C VAL A 220 5.44 5.69 1.88
N SER A 221 4.13 5.85 1.70
CA SER A 221 3.15 4.90 2.26
C SER A 221 3.28 3.50 1.68
N ASP A 222 4.01 3.39 0.57
CA ASP A 222 4.31 2.09 -0.03
C ASP A 222 5.23 1.32 0.88
N LEU A 223 5.93 2.02 1.76
CA LEU A 223 6.93 1.37 2.62
C LEU A 223 6.44 1.10 4.05
N PHE A 224 5.20 1.46 4.36
CA PHE A 224 4.63 1.21 5.68
C PHE A 224 4.22 -0.26 5.82
N ASP A 225 4.16 -0.75 7.05
CA ASP A 225 3.54 -2.05 7.28
C ASP A 225 2.20 -1.91 7.97
N PHE A 226 1.92 -0.69 8.44
CA PHE A 226 0.72 -0.36 9.19
C PHE A 226 0.62 1.16 9.20
N SER A 227 -0.62 1.69 9.25
CA SER A 227 -0.83 3.14 9.33
C SER A 227 -2.06 3.55 10.14
N LEU A 228 -1.92 4.66 10.87
CA LEU A 228 -3.01 5.28 11.62
C LEU A 228 -3.43 6.60 11.02
N TYR A 229 -4.73 6.82 10.94
CA TYR A 229 -5.26 8.15 10.65
C TYR A 229 -6.01 8.57 11.91
N VAL A 230 -5.63 9.70 12.50
CA VAL A 230 -6.35 10.31 13.64
C VAL A 230 -7.46 11.27 13.16
N ASP A 231 -8.72 10.94 13.46
CA ASP A 231 -9.90 11.61 12.85
C ASP A 231 -10.73 12.39 13.89
N ALA A 232 -11.53 13.37 13.46
CA ALA A 232 -12.46 14.11 14.34
C ALA A 232 -13.34 14.96 13.44
N ARG A 233 -14.54 15.32 13.90
CA ARG A 233 -15.35 16.29 13.16
C ARG A 233 -14.51 17.55 12.91
N ILE A 234 -14.61 18.10 11.71
CA ILE A 234 -13.85 19.29 11.31
C ILE A 234 -14.07 20.47 12.29
N GLU A 235 -15.32 20.70 12.69
CA GLU A 235 -15.66 21.64 13.77
C GLU A 235 -14.86 21.49 15.06
N ASP A 236 -14.76 20.27 15.55
CA ASP A 236 -14.03 20.00 16.76
C ASP A 236 -12.57 20.42 16.63
N ILE A 237 -11.95 20.12 15.48
CA ILE A 237 -10.53 20.33 15.31
C ILE A 237 -10.28 21.84 15.31
N GLU A 238 -11.12 22.58 14.61
CA GLU A 238 -11.12 24.02 14.70
C GLU A 238 -11.15 24.53 16.16
N GLN A 239 -12.12 24.07 16.94
CA GLN A 239 -12.19 24.43 18.36
C GLN A 239 -10.84 24.19 19.07
N TRP A 240 -10.28 23.01 18.92
CA TRP A 240 -8.97 22.75 19.49
C TRP A 240 -7.84 23.61 18.88
N TYR A 241 -7.91 23.89 17.58
CA TYR A 241 -6.88 24.73 16.97
C TYR A 241 -6.91 26.12 17.60
N VAL A 242 -8.12 26.66 17.75
CA VAL A 242 -8.33 27.96 18.37
C VAL A 242 -7.86 28.04 19.83
N SER A 243 -8.35 27.16 20.69
CA SER A 243 -7.84 27.03 22.08
C SER A 243 -6.29 26.95 22.20
N ARG A 244 -5.68 26.21 21.29
CA ARG A 244 -4.25 25.98 21.34
C ARG A 244 -3.53 27.32 21.00
N PHE A 245 -4.13 28.08 20.07
CA PHE A 245 -3.59 29.37 19.69
C PHE A 245 -3.60 30.27 20.91
N LEU A 246 -4.75 30.38 21.57
CA LEU A 246 -4.89 31.19 22.76
C LEU A 246 -3.88 30.78 23.84
N ALA A 247 -3.78 29.48 24.08
CA ALA A 247 -2.78 28.93 25.03
C ALA A 247 -1.36 29.28 24.60
N MET A 248 -1.11 29.30 23.30
CA MET A 248 0.23 29.63 22.82
C MET A 248 0.64 31.08 23.11
N ARG A 249 -0.32 31.94 23.42
CA ARG A 249 0.06 33.31 23.78
C ARG A 249 1.04 33.29 24.97
N THR A 250 0.97 32.20 25.71
CA THR A 250 1.62 32.05 26.98
C THR A 250 2.92 31.29 26.83
N THR A 251 3.02 30.46 25.79
CA THR A 251 4.21 29.62 25.63
C THR A 251 5.00 30.12 24.43
N ALA A 252 4.68 29.64 23.25
CA ALA A 252 5.46 29.95 22.06
C ALA A 252 5.44 31.42 21.64
N PHE A 253 4.30 32.10 21.79
CA PHE A 253 4.25 33.49 21.39
C PHE A 253 4.89 34.43 22.43
N ALA A 254 4.93 33.99 23.70
CA ALA A 254 5.44 34.79 24.82
C ALA A 254 6.89 35.25 24.62
N ASP A 255 7.69 34.48 23.89
CA ASP A 255 9.07 34.88 23.66
C ASP A 255 9.08 36.10 22.73
N PRO A 256 9.72 37.22 23.16
CA PRO A 256 9.79 38.39 22.28
C PRO A 256 10.74 38.22 21.10
N GLU A 257 11.52 37.14 21.08
CA GLU A 257 12.32 36.71 19.91
C GLU A 257 11.43 36.13 18.80
N SER A 258 10.25 35.64 19.18
CA SER A 258 9.40 34.95 18.24
C SER A 258 8.88 35.90 17.20
N HIS A 259 8.69 35.37 15.98
CA HIS A 259 8.11 36.14 14.88
C HIS A 259 6.63 36.43 15.09
N PHE A 260 6.03 35.75 16.05
CA PHE A 260 4.61 35.90 16.31
C PHE A 260 4.38 36.45 17.71
N HIS A 261 5.38 37.17 18.22
CA HIS A 261 5.27 37.70 19.57
C HIS A 261 4.07 38.62 19.72
N HIS A 262 3.89 39.44 18.72
CA HIS A 262 2.79 40.37 18.74
C HIS A 262 1.44 39.72 19.12
N TYR A 263 1.29 38.42 18.85
CA TYR A 263 0.02 37.69 19.20
C TYR A 263 -0.19 37.48 20.70
N ALA A 264 0.93 37.43 21.45
CA ALA A 264 0.91 37.28 22.92
C ALA A 264 0.04 38.33 23.56
N ALA A 265 0.03 39.52 22.98
CA ALA A 265 -0.72 40.61 23.57
C ALA A 265 -2.21 40.68 23.13
N PHE A 266 -2.61 39.93 22.11
CA PHE A 266 -4.00 39.94 21.64
C PHE A 266 -4.91 39.37 22.72
N SER A 267 -6.05 39.97 22.96
CA SER A 267 -6.97 39.43 23.95
C SER A 267 -7.81 38.30 23.35
N ASP A 268 -8.61 37.62 24.17
CA ASP A 268 -9.41 36.44 23.75
C ASP A 268 -10.24 36.59 22.47
N SER A 269 -10.93 37.70 22.35
CA SER A 269 -11.72 37.99 21.18
C SER A 269 -10.88 38.13 19.92
N GLN A 270 -9.79 38.90 20.02
CA GLN A 270 -8.92 39.12 18.85
C GLN A 270 -8.15 37.86 18.49
N ALA A 271 -7.62 37.18 19.52
CA ALA A 271 -6.89 35.92 19.34
C ALA A 271 -7.78 34.88 18.67
N VAL A 272 -9.06 34.83 19.07
CA VAL A 272 -9.99 33.90 18.40
C VAL A 272 -10.13 34.22 16.93
N VAL A 273 -10.55 35.45 16.61
CA VAL A 273 -10.51 35.93 15.22
C VAL A 273 -9.21 35.54 14.47
N ALA A 274 -8.03 35.90 15.00
CA ALA A 274 -6.73 35.60 14.35
C ALA A 274 -6.54 34.09 14.13
N ALA A 275 -6.81 33.30 15.16
CA ALA A 275 -6.69 31.84 15.07
C ALA A 275 -7.63 31.24 14.03
N ARG A 276 -8.91 31.64 14.09
CA ARG A 276 -9.97 31.17 13.19
C ARG A 276 -9.63 31.48 11.71
N GLU A 277 -9.00 32.63 11.49
CA GLU A 277 -8.62 33.04 10.16
C GLU A 277 -7.49 32.19 9.63
N ILE A 278 -6.50 31.92 10.48
CA ILE A 278 -5.38 31.08 10.07
C ILE A 278 -5.90 29.65 9.72
N TRP A 279 -6.81 29.17 10.54
CA TRP A 279 -7.40 27.89 10.32
C TRP A 279 -8.15 27.88 8.98
N ARG A 280 -9.07 28.84 8.76
CA ARG A 280 -9.90 28.95 7.54
C ARG A 280 -9.07 29.05 6.28
N THR A 281 -7.88 29.65 6.37
CA THR A 281 -7.09 29.96 5.17
C THR A 281 -5.93 29.02 4.90
N ILE A 282 -5.45 28.31 5.92
CA ILE A 282 -4.31 27.39 5.73
C ILE A 282 -4.62 25.95 6.13
N ASN A 283 -4.95 25.74 7.39
CA ASN A 283 -5.13 24.38 7.86
C ASN A 283 -6.40 23.65 7.43
N ARG A 284 -7.54 24.34 7.45
CA ARG A 284 -8.81 23.71 7.06
C ARG A 284 -8.70 23.26 5.61
N PRO A 285 -8.32 24.16 4.70
CA PRO A 285 -8.31 23.72 3.32
C PRO A 285 -7.23 22.71 3.05
N ASN A 286 -6.12 22.74 3.80
CA ASN A 286 -5.15 21.67 3.65
C ASN A 286 -5.85 20.38 4.04
N LEU A 287 -6.64 20.43 5.10
CA LEU A 287 -7.28 19.18 5.56
C LEU A 287 -8.23 18.66 4.50
N VAL A 288 -9.15 19.51 4.00
CA VAL A 288 -10.17 19.07 3.01
C VAL A 288 -9.58 18.51 1.70
N GLU A 289 -8.60 19.19 1.13
CA GLU A 289 -8.03 18.87 -0.17
C GLU A 289 -7.08 17.67 -0.10
N ASN A 290 -6.29 17.60 0.97
CA ASN A 290 -5.09 16.77 0.97
C ASN A 290 -4.99 15.77 2.08
N ILE A 291 -5.71 15.97 3.17
CA ILE A 291 -5.57 15.05 4.29
C ILE A 291 -6.80 14.10 4.44
N LEU A 292 -8.00 14.68 4.43
CA LEU A 292 -9.22 13.88 4.54
C LEU A 292 -9.30 12.74 3.49
N PRO A 293 -8.87 13.01 2.24
CA PRO A 293 -8.89 11.97 1.21
C PRO A 293 -7.96 10.79 1.41
N THR A 294 -7.01 10.90 2.34
CA THR A 294 -6.06 9.80 2.61
C THR A 294 -6.58 8.90 3.74
N ARG A 295 -7.53 9.41 4.52
CA ARG A 295 -8.10 8.66 5.64
C ARG A 295 -8.46 7.18 5.29
N PRO A 296 -9.22 6.97 4.17
CA PRO A 296 -9.49 5.56 3.84
C PRO A 296 -8.25 4.73 3.44
N ARG A 297 -7.07 5.33 3.37
CA ARG A 297 -5.91 4.49 3.03
C ARG A 297 -5.33 3.88 4.29
N ALA A 298 -5.81 4.28 5.46
CA ALA A 298 -5.20 3.80 6.70
C ALA A 298 -5.75 2.45 7.17
N THR A 299 -4.89 1.69 7.83
CA THR A 299 -5.22 0.38 8.42
C THR A 299 -6.19 0.55 9.59
N LEU A 300 -5.95 1.61 10.37
CA LEU A 300 -6.74 1.94 11.56
C LEU A 300 -7.13 3.42 11.56
N VAL A 301 -8.41 3.70 11.66
CA VAL A 301 -8.88 5.06 11.83
C VAL A 301 -9.41 5.22 13.25
N LEU A 302 -8.78 6.14 13.99
CA LEU A 302 -9.16 6.56 15.35
C LEU A 302 -9.81 7.90 15.31
N ARG A 303 -11.01 7.96 15.86
CA ARG A 303 -11.82 9.13 15.74
C ARG A 303 -12.20 9.63 17.12
N LYS A 304 -11.88 10.91 17.34
CA LYS A 304 -11.98 11.49 18.67
C LYS A 304 -13.22 12.33 18.80
N ASP A 305 -13.73 12.35 20.02
CA ASP A 305 -14.89 13.11 20.41
C ASP A 305 -14.50 14.57 20.63
N ALA A 306 -15.49 15.45 20.67
CA ALA A 306 -15.24 16.86 20.94
C ALA A 306 -14.31 17.07 22.15
N ASP A 307 -14.31 16.14 23.10
CA ASP A 307 -13.49 16.28 24.30
C ASP A 307 -12.16 15.50 24.23
N HIS A 308 -11.66 15.24 23.02
CA HIS A 308 -10.38 14.53 22.81
C HIS A 308 -10.37 13.01 23.07
N SER A 309 -11.46 12.46 23.61
CA SER A 309 -11.49 11.01 23.89
C SER A 309 -11.88 10.25 22.62
N ILE A 310 -11.30 9.06 22.42
CA ILE A 310 -11.55 8.25 21.23
C ILE A 310 -12.93 7.61 21.34
N ASN A 311 -13.75 7.74 20.30
CA ASN A 311 -15.10 7.20 20.38
C ASN A 311 -15.47 6.21 19.28
N ARG A 312 -14.52 5.92 18.39
CA ARG A 312 -14.74 4.97 17.30
C ARG A 312 -13.39 4.49 16.74
N LEU A 313 -13.27 3.18 16.58
CA LEU A 313 -12.10 2.60 15.94
C LEU A 313 -12.60 1.77 14.78
N ARG A 314 -12.07 2.08 13.60
CA ARG A 314 -12.24 1.27 12.40
C ARG A 314 -10.93 0.64 12.03
N LEU A 315 -10.92 -0.68 12.09
CA LEU A 315 -9.78 -1.50 11.73
C LEU A 315 -10.05 -2.36 10.47
N ARG A 316 -9.04 -2.43 9.60
CA ARG A 316 -9.09 -3.20 8.36
C ARG A 316 -9.26 -4.67 8.70
N LYS A 317 -10.16 -5.37 8.00
CA LYS A 317 -10.33 -6.84 8.26
C LYS A 317 -9.11 -7.58 7.77
N LEU A 318 -8.64 -8.54 8.58
CA LEU A 318 -7.45 -9.34 8.32
C LEU A 318 -7.74 -10.61 7.48
N PRO B 13 22.29 0.28 -0.77
CA PRO B 13 21.20 -0.50 -0.11
C PRO B 13 19.78 -0.20 -0.67
N SER B 14 19.01 -1.26 -0.88
CA SER B 14 17.74 -1.23 -1.62
C SER B 14 16.64 -1.92 -0.79
N PRO B 15 15.35 -1.64 -1.06
CA PRO B 15 14.35 -2.37 -0.26
C PRO B 15 14.07 -3.78 -0.76
N TYR B 16 14.87 -4.21 -1.73
CA TYR B 16 14.69 -5.49 -2.43
C TYR B 16 15.89 -6.40 -2.24
N VAL B 17 15.66 -7.69 -2.04
CA VAL B 17 16.69 -8.66 -2.35
C VAL B 17 16.60 -9.02 -3.83
N GLU B 18 17.77 -9.06 -4.48
CA GLU B 18 17.90 -9.41 -5.88
C GLU B 18 18.63 -10.75 -6.07
N PHE B 19 18.02 -11.63 -6.86
CA PHE B 19 18.59 -12.93 -7.27
C PHE B 19 18.57 -13.03 -8.77
N ASP B 20 19.74 -13.22 -9.40
CA ASP B 20 19.72 -13.52 -10.82
C ASP B 20 19.28 -14.98 -10.96
N ARG B 21 19.24 -15.50 -12.19
CA ARG B 21 18.72 -16.85 -12.41
C ARG B 21 19.66 -17.94 -11.86
N ARG B 22 20.96 -17.71 -11.95
CA ARG B 22 21.96 -18.62 -11.40
C ARG B 22 21.76 -18.82 -9.88
N GLN B 23 21.72 -17.70 -9.16
CA GLN B 23 21.57 -17.72 -7.70
C GLN B 23 20.26 -18.36 -7.23
N TRP B 24 19.17 -18.01 -7.88
CA TRP B 24 17.87 -18.57 -7.53
C TRP B 24 17.88 -20.10 -7.69
N ARG B 25 18.61 -20.59 -8.70
CA ARG B 25 18.79 -22.04 -8.90
C ARG B 25 19.66 -22.60 -7.78
N ALA B 26 20.80 -21.92 -7.55
CA ALA B 26 21.86 -22.30 -6.61
C ALA B 26 21.49 -22.29 -5.10
N LEU B 27 20.20 -22.45 -4.79
CA LEU B 27 19.67 -22.65 -3.43
C LEU B 27 18.80 -23.93 -3.54
N ARG B 28 18.77 -24.87 -2.58
CA ARG B 28 19.15 -24.82 -1.16
C ARG B 28 17.89 -24.44 -0.37
N MET B 29 16.76 -24.79 -0.97
CA MET B 29 15.44 -24.44 -0.48
C MET B 29 14.74 -25.66 0.11
N SER B 30 13.71 -25.42 0.92
CA SER B 30 13.08 -26.47 1.75
C SER B 30 12.51 -27.72 1.03
N THR B 31 11.24 -27.64 0.61
CA THR B 31 10.47 -28.85 0.28
C THR B 31 10.87 -29.55 -1.02
N PRO B 32 10.73 -30.89 -1.06
CA PRO B 32 10.52 -31.50 -2.37
C PRO B 32 9.22 -30.94 -2.97
N LEU B 33 8.08 -31.15 -2.28
CA LEU B 33 6.71 -30.79 -2.75
C LEU B 33 6.49 -30.90 -4.27
N ALA B 34 7.41 -31.63 -4.94
CA ALA B 34 7.57 -31.66 -6.40
C ALA B 34 6.26 -32.00 -7.13
N LEU B 35 6.28 -31.81 -8.44
CA LEU B 35 5.03 -31.85 -9.18
C LEU B 35 4.64 -33.19 -9.74
N THR B 36 3.37 -33.52 -9.50
CA THR B 36 2.87 -34.88 -9.61
C THR B 36 2.89 -35.50 -11.02
N GLU B 37 3.25 -34.71 -12.03
CA GLU B 37 3.28 -35.17 -13.43
C GLU B 37 1.91 -35.60 -13.99
N GLU B 38 0.88 -35.60 -13.13
CA GLU B 38 -0.52 -35.55 -13.55
C GLU B 38 -0.93 -34.08 -13.54
N GLU B 39 -0.33 -33.34 -12.61
CA GLU B 39 -0.53 -31.90 -12.50
C GLU B 39 0.33 -31.15 -13.53
N LEU B 40 1.51 -31.68 -13.85
CA LEU B 40 2.34 -31.16 -14.95
C LEU B 40 1.68 -31.27 -16.34
N VAL B 41 0.75 -32.21 -16.50
CA VAL B 41 -0.07 -32.33 -17.71
C VAL B 41 -1.07 -31.17 -17.80
N GLY B 42 -1.83 -30.95 -16.72
CA GLY B 42 -2.73 -29.81 -16.63
C GLY B 42 -2.00 -28.48 -16.80
N LEU B 43 -0.73 -28.48 -16.42
CA LEU B 43 0.08 -27.27 -16.48
C LEU B 43 0.55 -26.92 -17.90
N ARG B 44 0.61 -27.89 -18.79
CA ARG B 44 1.00 -27.65 -20.19
C ARG B 44 -0.04 -26.82 -20.95
N GLY B 45 -1.31 -27.07 -20.65
CA GLY B 45 -2.44 -26.50 -21.37
C GLY B 45 -2.99 -25.18 -20.87
N LEU B 46 -2.11 -24.35 -20.31
CA LEU B 46 -2.43 -22.98 -19.98
C LEU B 46 -1.69 -22.08 -20.98
N GLY B 47 -1.89 -22.38 -22.27
CA GLY B 47 -1.23 -21.71 -23.41
C GLY B 47 -1.34 -20.19 -23.41
N GLU B 48 -0.32 -19.47 -23.89
CA GLU B 48 0.75 -19.96 -24.77
C GLU B 48 1.85 -20.88 -24.14
N GLN B 49 3.00 -20.94 -24.82
CA GLN B 49 3.96 -22.04 -24.65
C GLN B 49 4.64 -22.15 -23.30
N ILE B 50 4.10 -23.06 -22.50
CA ILE B 50 4.44 -23.16 -21.11
C ILE B 50 5.68 -24.00 -20.90
N ASP B 51 6.75 -23.34 -20.51
CA ASP B 51 7.97 -24.03 -20.17
C ASP B 51 7.84 -24.70 -18.78
N LEU B 52 8.19 -25.99 -18.71
CA LEU B 52 8.00 -26.73 -17.45
C LEU B 52 9.19 -26.62 -16.53
N LEU B 53 10.39 -26.45 -17.07
CA LEU B 53 11.54 -26.09 -16.24
C LEU B 53 11.26 -24.76 -15.57
N GLU B 54 10.53 -23.88 -16.25
CA GLU B 54 10.13 -22.60 -15.67
C GLU B 54 9.28 -22.84 -14.41
N VAL B 55 8.39 -23.82 -14.48
CA VAL B 55 7.48 -24.03 -13.37
C VAL B 55 8.24 -24.63 -12.21
N GLU B 56 8.98 -25.70 -12.49
CA GLU B 56 9.71 -26.41 -11.45
C GLU B 56 10.66 -25.44 -10.75
N GLU B 57 11.43 -24.66 -11.50
CA GLU B 57 12.53 -23.88 -10.92
C GLU B 57 12.17 -22.51 -10.37
N VAL B 58 11.13 -21.90 -10.97
CA VAL B 58 10.78 -20.52 -10.63
C VAL B 58 9.40 -20.40 -10.02
N TYR B 59 8.37 -20.88 -10.69
CA TYR B 59 7.00 -20.60 -10.20
C TYR B 59 6.56 -21.36 -8.95
N LEU B 60 7.11 -22.54 -8.77
CA LEU B 60 6.84 -23.34 -7.58
C LEU B 60 7.58 -22.77 -6.35
N PRO B 61 8.92 -22.58 -6.44
CA PRO B 61 9.53 -21.75 -5.37
C PRO B 61 8.78 -20.42 -5.06
N LEU B 62 8.33 -19.70 -6.09
CA LEU B 62 7.53 -18.50 -5.91
C LEU B 62 6.22 -18.81 -5.18
N ALA B 63 5.49 -19.80 -5.65
CA ALA B 63 4.21 -20.17 -5.02
C ALA B 63 4.37 -20.53 -3.54
N ARG B 64 5.47 -21.20 -3.19
CA ARG B 64 5.72 -21.63 -1.81
C ARG B 64 5.90 -20.38 -0.95
N LEU B 65 6.78 -19.52 -1.44
CA LEU B 65 7.00 -18.23 -0.86
C LEU B 65 5.71 -17.44 -0.61
N ILE B 66 4.83 -17.36 -1.59
CA ILE B 66 3.60 -16.60 -1.41
C ILE B 66 2.73 -17.28 -0.37
N HIS B 67 2.75 -18.61 -0.37
CA HIS B 67 1.99 -19.39 0.60
C HIS B 67 2.41 -19.04 2.02
N LEU B 68 3.72 -18.86 2.24
CA LEU B 68 4.21 -18.39 3.53
C LEU B 68 3.45 -17.16 3.96
N GLN B 69 3.36 -16.15 3.09
CA GLN B 69 2.61 -14.96 3.43
C GLN B 69 1.11 -15.20 3.57
N VAL B 70 0.52 -16.05 2.72
CA VAL B 70 -0.94 -16.26 2.88
C VAL B 70 -1.21 -16.96 4.21
N ALA B 71 -0.32 -17.90 4.54
CA ALA B 71 -0.43 -18.62 5.81
C ALA B 71 -0.24 -17.69 7.01
N ALA B 72 0.80 -16.86 6.95
CA ALA B 72 1.05 -15.86 8.01
C ALA B 72 -0.18 -14.95 8.21
N ARG B 73 -0.79 -14.50 7.11
CA ARG B 73 -2.01 -13.69 7.21
C ARG B 73 -3.17 -14.43 7.89
N GLN B 74 -3.36 -15.69 7.50
CA GLN B 74 -4.36 -16.56 8.12
C GLN B 74 -4.19 -16.72 9.63
N ARG B 75 -2.97 -17.00 10.10
CA ARG B 75 -2.66 -17.12 11.54
C ARG B 75 -2.85 -15.81 12.29
N LEU B 76 -2.49 -14.71 11.63
CA LEU B 76 -2.57 -13.42 12.26
C LEU B 76 -4.01 -13.03 12.36
N PHE B 77 -4.81 -13.40 11.36
CA PHE B 77 -6.25 -13.22 11.49
C PHE B 77 -6.77 -13.87 12.76
N ALA B 78 -6.41 -15.15 12.96
CA ALA B 78 -6.85 -15.97 14.09
C ALA B 78 -6.37 -15.44 15.44
N ALA B 79 -5.08 -15.13 15.53
CA ALA B 79 -4.51 -14.52 16.73
C ALA B 79 -5.21 -13.18 17.13
N THR B 80 -5.69 -12.43 16.16
CA THR B 80 -6.25 -11.13 16.44
C THR B 80 -7.67 -11.34 16.91
N ALA B 81 -8.37 -12.23 16.20
CA ALA B 81 -9.69 -12.65 16.55
C ALA B 81 -9.70 -13.15 17.97
N GLU B 82 -8.69 -13.96 18.31
CA GLU B 82 -8.63 -14.50 19.66
C GLU B 82 -8.36 -13.42 20.72
N PHE B 83 -7.43 -12.51 20.40
CA PHE B 83 -7.16 -11.39 21.27
C PHE B 83 -8.40 -10.49 21.46
N LEU B 84 -9.15 -10.22 20.39
CA LEU B 84 -10.41 -9.48 20.50
C LEU B 84 -11.55 -10.31 21.12
N GLY B 85 -11.30 -11.60 21.35
CA GLY B 85 -12.29 -12.50 21.97
C GLY B 85 -13.50 -12.71 21.07
N GLU B 86 -13.24 -13.17 19.83
CA GLU B 86 -14.24 -13.32 18.74
C GLU B 86 -15.57 -12.54 18.89
N PRO B 87 -15.47 -11.19 18.83
CA PRO B 87 -16.66 -10.35 18.90
C PRO B 87 -17.57 -10.51 17.67
N GLN B 88 -18.85 -10.19 17.86
CA GLN B 88 -19.85 -10.32 16.82
C GLN B 88 -19.38 -9.72 15.49
N GLN B 89 -18.98 -8.44 15.54
CA GLN B 89 -18.53 -7.65 14.40
C GLN B 89 -17.26 -8.15 13.69
N ASN B 90 -16.41 -8.91 14.38
CA ASN B 90 -15.31 -9.57 13.68
C ASN B 90 -15.83 -10.69 12.75
N PRO B 91 -15.30 -10.75 11.50
CA PRO B 91 -15.72 -11.81 10.59
C PRO B 91 -15.22 -13.22 11.03
N ASP B 92 -15.86 -14.27 10.49
CA ASP B 92 -15.54 -15.66 10.86
C ASP B 92 -14.26 -16.24 10.26
N ARG B 93 -13.84 -15.73 9.10
CA ARG B 93 -12.72 -16.29 8.34
C ARG B 93 -11.93 -15.12 7.79
N PRO B 94 -10.63 -15.31 7.53
CA PRO B 94 -9.87 -14.24 6.91
C PRO B 94 -10.53 -13.81 5.61
N VAL B 95 -10.56 -12.50 5.34
CA VAL B 95 -11.04 -11.99 4.05
C VAL B 95 -10.13 -12.47 2.89
N PRO B 96 -10.62 -12.48 1.66
CA PRO B 96 -9.70 -13.00 0.67
C PRO B 96 -8.33 -12.31 0.65
N PHE B 97 -7.31 -13.06 0.31
CA PHE B 97 -5.96 -12.55 0.20
C PHE B 97 -5.72 -12.21 -1.28
N ILE B 98 -5.53 -10.94 -1.58
CA ILE B 98 -5.54 -10.48 -2.98
C ILE B 98 -4.13 -10.24 -3.53
N ILE B 99 -3.85 -10.85 -4.69
CA ILE B 99 -2.59 -10.67 -5.39
C ILE B 99 -2.82 -9.93 -6.71
N GLY B 100 -2.01 -8.89 -6.92
CA GLY B 100 -1.94 -8.19 -8.19
C GLY B 100 -0.77 -8.60 -9.07
N VAL B 101 -1.06 -8.66 -10.36
CA VAL B 101 -0.08 -8.96 -11.41
C VAL B 101 -0.20 -7.87 -12.48
N ALA B 102 0.93 -7.19 -12.72
CA ALA B 102 1.03 -6.05 -13.61
C ALA B 102 2.18 -6.20 -14.58
N GLY B 103 2.12 -5.39 -15.62
CA GLY B 103 3.09 -5.48 -16.68
C GLY B 103 2.49 -5.02 -17.97
N SER B 104 3.37 -4.89 -18.96
CA SER B 104 3.06 -4.40 -20.28
C SER B 104 2.08 -5.33 -20.94
N VAL B 105 1.34 -4.84 -21.94
CA VAL B 105 0.64 -5.75 -22.81
C VAL B 105 1.66 -6.75 -23.39
N ALA B 106 1.22 -8.01 -23.49
CA ALA B 106 1.94 -9.10 -24.17
C ALA B 106 3.19 -9.65 -23.42
N VAL B 107 3.37 -9.21 -22.18
CA VAL B 107 4.47 -9.66 -21.33
C VAL B 107 4.15 -11.04 -20.69
N GLY B 108 2.87 -11.43 -20.74
CA GLY B 108 2.47 -12.76 -20.22
C GLY B 108 1.95 -12.70 -18.80
N LYS B 109 1.31 -11.59 -18.44
CA LYS B 109 0.74 -11.47 -17.11
C LYS B 109 -0.23 -12.64 -16.92
N SER B 110 -1.05 -12.84 -17.93
CA SER B 110 -2.14 -13.78 -17.89
C SER B 110 -1.67 -15.22 -17.64
N THR B 111 -0.64 -15.62 -18.38
CA THR B 111 0.03 -16.87 -18.16
C THR B 111 0.59 -16.94 -16.74
N THR B 112 1.31 -15.89 -16.32
CA THR B 112 1.94 -15.90 -15.00
C THR B 112 0.87 -16.16 -13.97
N ALA B 113 -0.27 -15.50 -14.15
CA ALA B 113 -1.40 -15.58 -13.23
C ALA B 113 -1.98 -16.97 -13.15
N ARG B 114 -2.25 -17.57 -14.32
CA ARG B 114 -2.89 -18.87 -14.39
C ARG B 114 -2.02 -19.95 -13.73
N VAL B 115 -0.71 -19.82 -13.90
CA VAL B 115 0.27 -20.71 -13.32
C VAL B 115 0.29 -20.53 -11.82
N LEU B 116 0.24 -19.29 -11.33
CA LEU B 116 0.27 -19.13 -9.89
C LEU B 116 -1.04 -19.62 -9.29
N GLN B 117 -2.14 -19.44 -10.01
CA GLN B 117 -3.43 -19.88 -9.51
C GLN B 117 -3.47 -21.37 -9.35
N ALA B 118 -2.85 -22.09 -10.29
CA ALA B 118 -2.84 -23.54 -10.24
C ALA B 118 -1.93 -24.04 -9.13
N LEU B 119 -0.74 -23.46 -8.99
CA LEU B 119 0.18 -23.81 -7.91
C LEU B 119 -0.34 -23.48 -6.50
N LEU B 120 -0.89 -22.27 -6.30
CA LEU B 120 -1.27 -21.86 -4.95
C LEU B 120 -2.47 -22.63 -4.44
N ALA B 121 -3.30 -23.12 -5.34
CA ALA B 121 -4.47 -23.90 -4.96
C ALA B 121 -4.13 -25.28 -4.43
N ARG B 122 -2.89 -25.75 -4.70
CA ARG B 122 -2.42 -27.04 -4.17
C ARG B 122 -2.32 -27.15 -2.64
N TRP B 123 -2.38 -26.03 -1.91
CA TRP B 123 -2.26 -26.10 -0.45
C TRP B 123 -3.64 -26.25 0.15
N ASP B 124 -3.77 -27.04 1.22
CA ASP B 124 -5.04 -27.20 1.95
C ASP B 124 -5.49 -25.91 2.62
N HIS B 125 -4.53 -25.05 2.94
CA HIS B 125 -4.78 -23.75 3.61
C HIS B 125 -5.68 -22.81 2.78
N HIS B 126 -5.48 -22.84 1.48
CA HIS B 126 -6.14 -21.92 0.59
C HIS B 126 -6.36 -22.56 -0.77
N PRO B 127 -7.30 -23.53 -0.82
CA PRO B 127 -7.51 -24.26 -2.08
C PRO B 127 -8.37 -23.52 -3.08
N ARG B 128 -9.12 -22.53 -2.67
CA ARG B 128 -9.93 -21.76 -3.60
C ARG B 128 -9.24 -20.45 -4.08
N VAL B 129 -8.67 -20.48 -5.28
CA VAL B 129 -7.96 -19.34 -5.81
C VAL B 129 -8.70 -18.82 -7.05
N ASP B 130 -9.31 -17.64 -6.99
CA ASP B 130 -9.97 -17.03 -8.19
C ASP B 130 -9.02 -16.11 -8.97
N LEU B 131 -9.26 -15.95 -10.26
CA LEU B 131 -8.46 -15.05 -11.10
C LEU B 131 -9.40 -14.14 -11.90
N VAL B 132 -9.24 -12.83 -11.71
CA VAL B 132 -10.02 -11.85 -12.47
C VAL B 132 -9.06 -10.96 -13.22
N THR B 133 -9.43 -10.60 -14.45
CA THR B 133 -8.69 -9.58 -15.19
C THR B 133 -9.37 -8.22 -15.13
N THR B 134 -8.60 -7.12 -15.12
CA THR B 134 -9.21 -5.80 -15.10
C THR B 134 -9.75 -5.42 -16.45
N ASP B 135 -9.46 -6.25 -17.46
CA ASP B 135 -10.06 -6.09 -18.78
C ASP B 135 -11.60 -5.90 -18.72
N GLY B 136 -12.28 -6.65 -17.85
CA GLY B 136 -13.71 -6.48 -17.61
C GLY B 136 -14.15 -5.13 -17.06
N PHE B 137 -13.20 -4.35 -16.56
CA PHE B 137 -13.51 -3.01 -16.07
C PHE B 137 -13.18 -1.90 -17.08
N LEU B 138 -12.99 -2.30 -18.33
CA LEU B 138 -12.90 -1.35 -19.44
C LEU B 138 -14.29 -0.83 -19.74
N TYR B 139 -14.38 0.41 -20.19
CA TYR B 139 -15.64 0.93 -20.70
C TYR B 139 -15.96 0.18 -21.96
N PRO B 140 -17.25 -0.06 -22.22
CA PRO B 140 -17.53 -0.65 -23.52
C PRO B 140 -17.02 0.27 -24.64
N ASN B 141 -16.63 -0.31 -25.77
CA ASN B 141 -16.28 0.46 -26.99
C ASN B 141 -17.14 1.69 -27.25
N ALA B 142 -18.45 1.55 -27.07
CA ALA B 142 -19.42 2.65 -27.33
C ALA B 142 -19.05 3.87 -26.50
N GLU B 143 -18.90 3.64 -25.19
CA GLU B 143 -18.47 4.68 -24.28
C GLU B 143 -17.07 5.17 -24.62
N LEU B 144 -16.21 4.23 -25.01
CA LEU B 144 -14.86 4.59 -25.37
C LEU B 144 -14.90 5.63 -26.50
N GLN B 145 -15.68 5.36 -27.54
CA GLN B 145 -15.75 6.26 -28.69
C GLN B 145 -16.21 7.62 -28.17
N ARG B 146 -17.34 7.59 -27.49
CA ARG B 146 -17.97 8.76 -26.89
C ARG B 146 -16.99 9.65 -26.10
N ARG B 147 -15.89 9.08 -25.60
CA ARG B 147 -14.90 9.87 -24.84
C ARG B 147 -13.60 10.15 -25.58
N ASN B 148 -13.54 9.83 -26.87
CA ASN B 148 -12.30 10.02 -27.63
C ASN B 148 -11.25 9.04 -27.11
N LEU B 149 -11.68 7.85 -26.70
CA LEU B 149 -10.76 6.93 -26.03
C LEU B 149 -10.47 5.62 -26.73
N MET B 150 -10.99 5.44 -27.94
CA MET B 150 -10.74 4.21 -28.71
C MET B 150 -9.27 3.95 -29.00
N HIS B 151 -8.49 5.00 -29.21
CA HIS B 151 -7.06 4.79 -29.42
C HIS B 151 -6.30 4.60 -28.12
N ARG B 152 -7.02 4.54 -27.00
CA ARG B 152 -6.36 4.50 -25.73
C ARG B 152 -6.90 3.41 -24.82
N LYS B 153 -7.42 2.33 -25.41
CA LYS B 153 -7.82 1.19 -24.60
C LYS B 153 -6.60 0.67 -23.80
N GLY B 154 -6.78 0.47 -22.49
CA GLY B 154 -5.67 0.14 -21.57
C GLY B 154 -4.92 1.27 -20.85
N PHE B 155 -5.12 2.51 -21.27
CA PHE B 155 -4.62 3.65 -20.50
C PHE B 155 -5.56 3.87 -19.28
N PRO B 156 -5.05 4.51 -18.22
CA PRO B 156 -5.85 4.58 -16.98
C PRO B 156 -7.31 4.95 -17.21
N GLU B 157 -7.57 6.00 -17.99
CA GLU B 157 -8.92 6.51 -18.15
C GLU B 157 -9.80 5.56 -18.91
N SER B 158 -9.27 4.48 -19.48
CA SER B 158 -10.14 3.65 -20.33
C SER B 158 -10.92 2.64 -19.49
N TYR B 159 -10.63 2.62 -18.18
CA TYR B 159 -11.35 1.78 -17.24
C TYR B 159 -12.27 2.61 -16.41
N ASN B 160 -13.35 1.95 -16.03
CA ASN B 160 -14.29 2.49 -15.08
C ASN B 160 -13.74 2.23 -13.70
N ARG B 161 -12.90 3.16 -13.23
CA ARG B 161 -12.09 2.95 -12.02
C ARG B 161 -12.92 2.84 -10.77
N ARG B 162 -14.11 3.46 -10.79
CA ARG B 162 -15.02 3.45 -9.66
C ARG B 162 -15.55 2.04 -9.52
N ALA B 163 -15.97 1.44 -10.62
CA ALA B 163 -16.64 0.13 -10.58
C ALA B 163 -15.64 -0.91 -10.11
N LEU B 164 -14.38 -0.68 -10.51
CA LEU B 164 -13.30 -1.58 -10.21
C LEU B 164 -12.95 -1.47 -8.74
N MET B 165 -13.04 -0.26 -8.22
CA MET B 165 -12.77 -0.01 -6.82
C MET B 165 -13.88 -0.66 -5.99
N ARG B 166 -15.13 -0.51 -6.44
CA ARG B 166 -16.29 -1.13 -5.80
C ARG B 166 -16.12 -2.66 -5.74
N PHE B 167 -15.69 -3.25 -6.85
CA PHE B 167 -15.50 -4.69 -6.93
C PHE B 167 -14.52 -5.19 -5.88
N VAL B 168 -13.32 -4.64 -5.90
CA VAL B 168 -12.27 -5.08 -5.01
C VAL B 168 -12.60 -4.77 -3.55
N THR B 169 -13.02 -3.57 -3.26
CA THR B 169 -13.52 -3.26 -1.92
C THR B 169 -14.45 -4.36 -1.41
N SER B 170 -15.49 -4.65 -2.20
CA SER B 170 -16.46 -5.67 -1.83
C SER B 170 -15.82 -7.04 -1.56
N VAL B 171 -14.91 -7.46 -2.42
CA VAL B 171 -14.17 -8.70 -2.16
C VAL B 171 -13.40 -8.64 -0.83
N LYS B 172 -12.63 -7.56 -0.64
CA LYS B 172 -11.87 -7.32 0.61
C LYS B 172 -12.75 -7.07 1.81
N SER B 173 -14.00 -6.69 1.57
CA SER B 173 -15.01 -6.59 2.62
C SER B 173 -15.36 -7.94 3.22
N GLY B 174 -15.01 -9.02 2.51
CA GLY B 174 -15.41 -10.38 2.87
C GLY B 174 -16.87 -10.67 2.57
N SER B 175 -17.46 -9.97 1.61
CA SER B 175 -18.86 -10.22 1.28
C SER B 175 -19.05 -11.56 0.61
N ASP B 176 -20.27 -12.10 0.65
CA ASP B 176 -20.59 -13.42 0.11
C ASP B 176 -20.30 -13.58 -1.39
N TYR B 177 -20.69 -12.60 -2.21
CA TYR B 177 -20.33 -12.61 -3.64
C TYR B 177 -19.96 -11.21 -4.15
N ALA B 178 -19.30 -11.16 -5.30
CA ALA B 178 -18.91 -9.91 -5.94
C ALA B 178 -18.82 -10.16 -7.43
N CYS B 179 -19.46 -9.30 -8.21
CA CYS B 179 -19.64 -9.49 -9.64
C CYS B 179 -18.71 -8.59 -10.38
N ALA B 180 -18.13 -9.10 -11.45
CA ALA B 180 -17.25 -8.34 -12.31
C ALA B 180 -17.77 -8.48 -13.75
N PRO B 181 -17.59 -7.44 -14.60
CA PRO B 181 -17.91 -7.69 -16.00
C PRO B 181 -16.91 -8.57 -16.67
N VAL B 182 -17.25 -9.04 -17.86
CA VAL B 182 -16.44 -9.97 -18.62
C VAL B 182 -16.14 -9.33 -19.95
N TYR B 183 -14.86 -9.19 -20.26
CA TYR B 183 -14.41 -8.70 -21.53
C TYR B 183 -14.19 -9.85 -22.51
N SER B 184 -14.78 -9.74 -23.72
CA SER B 184 -14.52 -10.69 -24.81
C SER B 184 -13.34 -10.22 -25.65
N HIS B 185 -12.28 -11.03 -25.69
CA HIS B 185 -11.06 -10.67 -26.44
C HIS B 185 -11.22 -10.89 -27.94
N LEU B 186 -12.12 -11.81 -28.31
CA LEU B 186 -12.48 -12.03 -29.72
C LEU B 186 -13.17 -10.81 -30.28
N HIS B 187 -14.23 -10.35 -29.60
CA HIS B 187 -15.00 -9.16 -30.01
C HIS B 187 -14.34 -7.80 -29.70
N TYR B 188 -13.25 -7.81 -28.95
CA TYR B 188 -12.60 -6.57 -28.48
C TYR B 188 -13.54 -5.63 -27.77
N ASP B 189 -14.41 -6.19 -26.92
CA ASP B 189 -15.42 -5.41 -26.24
C ASP B 189 -15.97 -6.13 -25.02
N ILE B 190 -16.67 -5.37 -24.18
CA ILE B 190 -17.38 -5.93 -23.03
C ILE B 190 -18.54 -6.78 -23.55
N ILE B 191 -18.85 -7.89 -22.86
CA ILE B 191 -20.03 -8.68 -23.23
C ILE B 191 -21.27 -8.23 -22.47
N PRO B 192 -22.24 -7.68 -23.20
CA PRO B 192 -23.47 -7.15 -22.57
C PRO B 192 -24.14 -8.16 -21.63
N GLY B 193 -24.27 -7.80 -20.37
CA GLY B 193 -24.91 -8.68 -19.41
C GLY B 193 -24.09 -9.82 -18.84
N ALA B 194 -22.89 -10.05 -19.37
CA ALA B 194 -22.03 -11.10 -18.81
C ALA B 194 -21.41 -10.65 -17.47
N GLU B 195 -21.28 -11.58 -16.54
CA GLU B 195 -20.71 -11.28 -15.24
C GLU B 195 -19.98 -12.52 -14.69
N GLN B 196 -18.81 -12.28 -14.07
CA GLN B 196 -18.04 -13.30 -13.34
C GLN B 196 -18.37 -13.18 -11.85
N VAL B 197 -18.96 -14.22 -11.26
CA VAL B 197 -19.29 -14.15 -9.85
C VAL B 197 -18.10 -14.63 -9.00
N VAL B 198 -17.78 -13.89 -7.94
CA VAL B 198 -16.65 -14.24 -7.02
C VAL B 198 -17.12 -14.40 -5.56
N ARG B 199 -17.00 -15.63 -5.04
CA ARG B 199 -17.57 -15.99 -3.74
C ARG B 199 -16.50 -16.25 -2.70
N HIS B 200 -16.06 -15.16 -2.08
CA HIS B 200 -15.11 -15.18 -0.97
C HIS B 200 -14.07 -16.27 -1.10
N PRO B 201 -13.24 -16.21 -2.13
CA PRO B 201 -12.22 -17.24 -2.22
C PRO B 201 -11.06 -16.96 -1.25
N ASP B 202 -10.19 -17.94 -1.03
CA ASP B 202 -9.07 -17.75 -0.11
C ASP B 202 -8.01 -16.82 -0.71
N ILE B 203 -7.86 -16.87 -2.03
CA ILE B 203 -6.95 -15.98 -2.73
C ILE B 203 -7.73 -15.51 -3.95
N LEU B 204 -7.50 -14.24 -4.28
CA LEU B 204 -7.90 -13.70 -5.57
C LEU B 204 -6.67 -13.04 -6.20
N ILE B 205 -6.33 -13.54 -7.39
CA ILE B 205 -5.35 -12.93 -8.23
C ILE B 205 -6.03 -11.94 -9.16
N LEU B 206 -5.54 -10.70 -9.14
CA LEU B 206 -6.06 -9.66 -9.99
C LEU B 206 -4.99 -9.23 -10.98
N GLU B 207 -5.35 -9.48 -12.24
CA GLU B 207 -4.47 -9.33 -13.37
C GLU B 207 -4.91 -8.13 -14.17
N GLY B 208 -3.99 -7.22 -14.44
CA GLY B 208 -4.21 -6.09 -15.32
C GLY B 208 -3.03 -5.15 -15.48
N LEU B 209 -3.04 -4.37 -16.55
CA LEU B 209 -2.01 -3.35 -16.80
C LEU B 209 -2.00 -2.25 -15.75
N ASN B 210 -3.15 -2.06 -15.12
CA ASN B 210 -3.39 -0.87 -14.33
C ASN B 210 -3.44 -1.10 -12.86
N VAL B 211 -3.25 -2.35 -12.44
CA VAL B 211 -3.55 -2.73 -11.04
C VAL B 211 -2.62 -2.08 -10.01
N LEU B 212 -1.40 -1.67 -10.41
CA LEU B 212 -0.45 -1.03 -9.48
C LEU B 212 -0.44 0.48 -9.66
N GLN B 213 -1.41 1.00 -10.40
CA GLN B 213 -1.41 2.43 -10.63
C GLN B 213 -1.94 3.25 -9.44
N THR B 214 -1.23 4.34 -9.24
CA THR B 214 -1.51 5.40 -8.31
C THR B 214 -2.84 6.15 -8.55
N GLY B 215 -3.36 6.83 -7.54
CA GLY B 215 -4.52 7.73 -7.72
C GLY B 215 -4.70 8.65 -6.53
N PRO B 216 -5.25 9.87 -6.73
CA PRO B 216 -5.41 10.84 -5.63
C PRO B 216 -6.38 10.28 -4.59
N THR B 217 -7.37 9.57 -5.13
CA THR B 217 -8.29 8.68 -4.43
C THR B 217 -7.61 7.66 -3.45
N LEU B 218 -8.40 6.68 -2.98
CA LEU B 218 -7.87 5.36 -2.60
C LEU B 218 -7.82 4.56 -3.93
N MET B 219 -6.81 3.71 -4.08
CA MET B 219 -6.62 2.95 -5.31
C MET B 219 -6.72 1.45 -4.98
N VAL B 220 -7.02 0.59 -5.97
CA VAL B 220 -7.12 -0.85 -5.74
C VAL B 220 -5.92 -1.47 -5.05
N SER B 221 -4.72 -1.04 -5.40
CA SER B 221 -3.54 -1.64 -4.80
C SER B 221 -3.40 -1.45 -3.27
N ASP B 222 -4.16 -0.51 -2.70
CA ASP B 222 -4.22 -0.35 -1.24
C ASP B 222 -4.89 -1.57 -0.63
N LEU B 223 -5.59 -2.34 -1.47
CA LEU B 223 -6.28 -3.53 -1.00
C LEU B 223 -5.55 -4.83 -1.36
N PHE B 224 -4.37 -4.73 -2.00
CA PHE B 224 -3.59 -5.95 -2.23
C PHE B 224 -2.93 -6.38 -0.95
N ASP B 225 -2.48 -7.64 -0.92
CA ASP B 225 -1.66 -8.19 0.13
C ASP B 225 -0.34 -8.62 -0.47
N PHE B 226 -0.26 -8.72 -1.78
CA PHE B 226 1.01 -9.06 -2.47
C PHE B 226 0.82 -8.65 -3.89
N SER B 227 1.92 -8.35 -4.57
CA SER B 227 1.86 -7.96 -5.96
C SER B 227 3.13 -8.30 -6.72
N LEU B 228 2.92 -8.75 -7.97
CA LEU B 228 3.96 -9.03 -8.94
C LEU B 228 3.90 -8.05 -10.09
N TYR B 229 5.10 -7.65 -10.54
CA TYR B 229 5.27 -6.96 -11.80
C TYR B 229 6.08 -7.88 -12.70
N VAL B 230 5.53 -8.19 -13.86
CA VAL B 230 6.22 -8.93 -14.88
C VAL B 230 6.86 -7.97 -15.89
N ASP B 231 8.20 -8.04 -15.94
CA ASP B 231 9.09 -7.04 -16.56
C ASP B 231 9.86 -7.73 -17.66
N ALA B 232 10.33 -6.95 -18.63
CA ALA B 232 11.10 -7.47 -19.75
C ALA B 232 11.72 -6.27 -20.42
N ARG B 233 12.77 -6.45 -21.22
CA ARG B 233 13.22 -5.32 -22.03
C ARG B 233 12.16 -4.92 -23.05
N ILE B 234 12.07 -3.62 -23.31
CA ILE B 234 11.01 -3.11 -24.18
C ILE B 234 11.10 -3.60 -25.64
N GLU B 235 12.33 -3.66 -26.19
CA GLU B 235 12.62 -4.31 -27.49
C GLU B 235 12.05 -5.73 -27.51
N ASP B 236 12.39 -6.51 -26.49
CA ASP B 236 11.95 -7.89 -26.37
C ASP B 236 10.43 -8.01 -26.39
N ILE B 237 9.74 -7.14 -25.64
CA ILE B 237 8.25 -7.17 -25.60
C ILE B 237 7.64 -6.82 -26.98
N GLU B 238 8.21 -5.82 -27.63
CA GLU B 238 7.85 -5.52 -29.00
C GLU B 238 7.89 -6.77 -29.87
N GLN B 239 9.01 -7.47 -29.84
CA GLN B 239 9.14 -8.73 -30.59
C GLN B 239 7.99 -9.72 -30.27
N TRP B 240 7.67 -9.91 -28.99
CA TRP B 240 6.57 -10.82 -28.64
C TRP B 240 5.25 -10.33 -29.20
N TYR B 241 5.08 -9.01 -29.23
CA TYR B 241 3.79 -8.45 -29.58
C TYR B 241 3.56 -8.67 -31.07
N VAL B 242 4.63 -8.43 -31.84
CA VAL B 242 4.63 -8.71 -33.28
C VAL B 242 4.35 -10.18 -33.63
N SER B 243 5.08 -11.11 -33.03
CA SER B 243 4.88 -12.54 -33.28
C SER B 243 3.45 -12.91 -32.93
N ARG B 244 2.92 -12.31 -31.89
CA ARG B 244 1.57 -12.61 -31.43
C ARG B 244 0.57 -12.10 -32.46
N PHE B 245 0.81 -10.90 -32.96
CA PHE B 245 -0.06 -10.27 -33.93
C PHE B 245 -0.21 -11.14 -35.18
N LEU B 246 0.95 -11.51 -35.76
CA LEU B 246 0.97 -12.38 -36.92
C LEU B 246 0.21 -13.68 -36.70
N ALA B 247 0.41 -14.32 -35.54
CA ALA B 247 -0.29 -15.55 -35.14
C ALA B 247 -1.81 -15.36 -35.03
N MET B 248 -2.24 -14.15 -34.66
CA MET B 248 -3.67 -13.87 -34.54
C MET B 248 -4.46 -13.87 -35.87
N ARG B 249 -3.75 -13.88 -36.99
CA ARG B 249 -4.40 -13.86 -38.29
C ARG B 249 -5.22 -15.14 -38.52
N THR B 250 -4.71 -16.24 -37.97
CA THR B 250 -5.30 -17.59 -37.97
C THR B 250 -6.54 -17.78 -37.07
N THR B 251 -6.66 -16.93 -36.06
CA THR B 251 -7.55 -17.17 -34.94
C THR B 251 -8.54 -16.03 -34.70
N ALA B 252 -8.13 -15.05 -33.90
CA ALA B 252 -8.96 -13.89 -33.61
C ALA B 252 -9.41 -13.20 -34.90
N PHE B 253 -8.45 -12.75 -35.72
CA PHE B 253 -8.75 -12.02 -36.96
C PHE B 253 -9.45 -12.85 -38.05
N ALA B 254 -9.25 -14.16 -38.02
CA ALA B 254 -9.83 -15.07 -39.02
C ALA B 254 -11.35 -15.03 -39.05
N ASP B 255 -11.95 -14.93 -37.88
CA ASP B 255 -13.40 -14.81 -37.81
C ASP B 255 -13.81 -13.56 -38.57
N PRO B 256 -14.77 -13.69 -39.51
CA PRO B 256 -15.30 -12.55 -40.26
C PRO B 256 -16.14 -11.62 -39.38
N GLU B 257 -16.49 -12.10 -38.19
CA GLU B 257 -17.23 -11.33 -37.21
C GLU B 257 -16.36 -10.24 -36.58
N SER B 258 -15.06 -10.50 -36.48
CA SER B 258 -14.11 -9.59 -35.82
C SER B 258 -14.06 -8.22 -36.46
N HIS B 259 -13.86 -7.22 -35.62
CA HIS B 259 -13.70 -5.86 -36.10
C HIS B 259 -12.35 -5.75 -36.76
N PHE B 260 -11.48 -6.73 -36.47
CA PHE B 260 -10.12 -6.70 -36.99
C PHE B 260 -9.85 -7.75 -38.05
N HIS B 261 -10.94 -8.15 -38.71
CA HIS B 261 -10.91 -9.13 -39.76
C HIS B 261 -9.94 -8.78 -40.88
N HIS B 262 -9.87 -7.49 -41.21
CA HIS B 262 -9.07 -7.07 -42.35
C HIS B 262 -7.56 -7.27 -42.15
N TYR B 263 -7.12 -7.45 -40.89
CA TYR B 263 -5.71 -7.80 -40.62
C TYR B 263 -5.40 -9.25 -41.03
N ALA B 264 -6.43 -10.07 -41.17
CA ALA B 264 -6.23 -11.48 -41.48
C ALA B 264 -5.50 -11.65 -42.79
N ALA B 265 -5.68 -10.69 -43.70
CA ALA B 265 -5.20 -10.81 -45.07
C ALA B 265 -3.79 -10.21 -45.30
N PHE B 266 -3.26 -9.54 -44.30
CA PHE B 266 -1.94 -8.94 -44.43
C PHE B 266 -0.92 -10.05 -44.54
N SER B 267 -0.05 -9.95 -45.54
CA SER B 267 1.11 -10.84 -45.60
C SER B 267 1.97 -10.65 -44.34
N ASP B 268 2.87 -11.60 -44.06
CA ASP B 268 3.78 -11.48 -42.92
C ASP B 268 4.52 -10.13 -42.85
N SER B 269 5.09 -9.75 -43.98
CA SER B 269 5.79 -8.52 -44.15
C SER B 269 4.99 -7.29 -43.68
N GLN B 270 3.76 -7.20 -44.18
CA GLN B 270 2.89 -6.05 -44.00
C GLN B 270 2.25 -6.12 -42.62
N ALA B 271 2.05 -7.32 -42.11
CA ALA B 271 1.48 -7.49 -40.75
C ALA B 271 2.50 -7.00 -39.71
N VAL B 272 3.79 -7.28 -39.95
CA VAL B 272 4.90 -6.75 -39.11
C VAL B 272 4.84 -5.23 -39.01
N VAL B 273 4.84 -4.55 -40.15
CA VAL B 273 4.63 -3.09 -40.19
C VAL B 273 3.42 -2.65 -39.35
N ALA B 274 2.28 -3.31 -39.52
CA ALA B 274 1.01 -2.96 -38.81
C ALA B 274 1.11 -3.19 -37.31
N ALA B 275 1.73 -4.31 -36.95
CA ALA B 275 2.00 -4.63 -35.54
C ALA B 275 2.86 -3.56 -34.91
N ARG B 276 4.02 -3.32 -35.50
CA ARG B 276 4.96 -2.34 -34.98
C ARG B 276 4.36 -0.95 -34.83
N GLU B 277 3.44 -0.60 -35.72
CA GLU B 277 2.76 0.68 -35.64
C GLU B 277 1.81 0.80 -34.48
N ILE B 278 0.97 -0.24 -34.29
CA ILE B 278 0.09 -0.35 -33.13
C ILE B 278 0.91 -0.40 -31.83
N TRP B 279 2.01 -1.14 -31.83
CA TRP B 279 2.94 -1.11 -30.72
C TRP B 279 3.38 0.30 -30.37
N ARG B 280 4.05 0.98 -31.31
CA ARG B 280 4.56 2.35 -31.19
C ARG B 280 3.54 3.40 -30.75
N THR B 281 2.29 3.23 -31.14
CA THR B 281 1.28 4.30 -30.99
C THR B 281 0.27 4.06 -29.85
N ILE B 282 0.12 2.83 -29.40
CA ILE B 282 -0.78 2.54 -28.26
C ILE B 282 -0.05 1.90 -27.09
N ASN B 283 0.42 0.68 -27.23
CA ASN B 283 1.04 -0.04 -26.08
C ASN B 283 2.40 0.43 -25.53
N ARG B 284 3.34 0.72 -26.41
CA ARG B 284 4.62 1.25 -25.96
C ARG B 284 4.44 2.55 -25.16
N PRO B 285 3.70 3.52 -25.72
CA PRO B 285 3.39 4.69 -24.90
C PRO B 285 2.70 4.34 -23.59
N ASN B 286 1.73 3.42 -23.62
CA ASN B 286 1.03 3.08 -22.38
C ASN B 286 2.01 2.54 -21.38
N LEU B 287 2.93 1.68 -21.83
CA LEU B 287 3.96 1.06 -20.97
C LEU B 287 4.88 2.09 -20.31
N VAL B 288 5.44 3.00 -21.11
CA VAL B 288 6.43 3.99 -20.59
C VAL B 288 5.76 4.98 -19.64
N GLU B 289 4.62 5.52 -20.03
CA GLU B 289 4.04 6.56 -19.22
C GLU B 289 3.33 6.05 -17.96
N ASN B 290 2.74 4.88 -18.02
CA ASN B 290 1.80 4.51 -16.97
C ASN B 290 2.08 3.20 -16.29
N ILE B 291 2.79 2.29 -16.95
CA ILE B 291 2.91 0.93 -16.44
C ILE B 291 4.29 0.79 -15.80
N LEU B 292 5.33 1.19 -16.54
CA LEU B 292 6.69 1.17 -16.01
C LEU B 292 6.85 1.88 -14.67
N PRO B 293 6.29 3.09 -14.51
CA PRO B 293 6.42 3.73 -13.18
C PRO B 293 5.80 2.98 -11.98
N THR B 294 4.95 1.97 -12.20
CA THR B 294 4.33 1.26 -11.07
C THR B 294 5.18 0.07 -10.66
N ARG B 295 6.23 -0.16 -11.44
CA ARG B 295 7.10 -1.29 -11.20
C ARG B 295 7.71 -1.32 -9.76
N PRO B 296 8.25 -0.19 -9.27
CA PRO B 296 8.92 -0.23 -7.96
C PRO B 296 7.93 -0.38 -6.78
N ARG B 297 6.64 -0.47 -7.11
CA ARG B 297 5.57 -0.65 -6.15
C ARG B 297 5.23 -2.12 -5.95
N ALA B 298 5.86 -2.99 -6.73
CA ALA B 298 5.51 -4.41 -6.61
C ALA B 298 6.31 -5.09 -5.52
N THR B 299 5.68 -6.03 -4.80
CA THR B 299 6.40 -6.86 -3.81
C THR B 299 7.48 -7.71 -4.45
N LEU B 300 7.20 -8.17 -5.66
CA LEU B 300 8.14 -8.98 -6.40
C LEU B 300 8.18 -8.61 -7.90
N VAL B 301 9.37 -8.35 -8.39
CA VAL B 301 9.54 -8.12 -9.81
C VAL B 301 10.20 -9.35 -10.44
N LEU B 302 9.65 -9.81 -11.56
CA LEU B 302 10.25 -10.89 -12.37
C LEU B 302 10.66 -10.35 -13.73
N ARG B 303 11.95 -10.39 -14.06
CA ARG B 303 12.43 -9.91 -15.35
C ARG B 303 12.63 -11.11 -16.28
N LYS B 304 11.93 -11.12 -17.43
CA LYS B 304 12.03 -12.25 -18.37
C LYS B 304 13.05 -11.92 -19.45
N ASP B 305 13.81 -12.91 -19.89
CA ASP B 305 14.73 -12.78 -21.05
C ASP B 305 13.96 -12.75 -22.36
N ALA B 306 14.68 -12.55 -23.46
CA ALA B 306 14.07 -12.50 -24.80
C ALA B 306 13.27 -13.77 -25.17
N ASP B 307 13.62 -14.90 -24.57
CA ASP B 307 12.94 -16.16 -24.85
C ASP B 307 12.02 -16.58 -23.72
N HIS B 308 11.63 -15.64 -22.88
CA HIS B 308 10.57 -15.86 -21.86
C HIS B 308 11.01 -16.48 -20.54
N SER B 309 12.26 -16.91 -20.43
CA SER B 309 12.70 -17.42 -19.15
C SER B 309 13.18 -16.26 -18.26
N ILE B 310 12.84 -16.39 -16.98
CA ILE B 310 13.08 -15.41 -15.96
C ILE B 310 14.55 -15.37 -15.63
N ASN B 311 15.17 -14.20 -15.76
CA ASN B 311 16.60 -14.02 -15.55
C ASN B 311 16.99 -13.22 -14.28
N ARG B 312 15.98 -12.73 -13.54
CA ARG B 312 16.19 -11.89 -12.36
C ARG B 312 14.88 -11.82 -11.52
N LEU B 313 15.00 -12.01 -10.20
CA LEU B 313 13.90 -11.81 -9.26
C LEU B 313 14.35 -10.75 -8.26
N ARG B 314 13.45 -9.79 -8.00
CA ARG B 314 13.61 -8.80 -6.94
C ARG B 314 12.45 -8.95 -5.98
N LEU B 315 12.77 -9.05 -4.69
CA LEU B 315 11.82 -9.34 -3.68
C LEU B 315 11.98 -8.37 -2.52
N ARG B 316 10.88 -7.73 -2.13
CA ARG B 316 10.91 -6.84 -0.98
C ARG B 316 11.43 -7.55 0.27
N LYS B 317 12.40 -6.91 0.92
CA LYS B 317 12.95 -7.41 2.21
C LYS B 317 11.81 -7.43 3.21
N LEU B 318 11.68 -8.53 3.96
CA LEU B 318 10.59 -8.69 4.93
C LEU B 318 10.88 -8.09 6.30
P PO4 C . -0.90 17.31 15.99
O1 PO4 C . -1.42 17.68 17.36
O2 PO4 C . 0.51 16.75 16.03
O3 PO4 C . -0.76 18.51 15.10
O4 PO4 C . -1.85 16.32 15.37
NAA ZVY D . 2.34 33.04 4.99
OAB ZVY D . 1.22 27.27 15.42
OAC ZVY D . -0.80 26.39 15.60
CAD ZVY D . 2.09 32.61 6.03
CAE ZVY D . 4.16 21.50 10.00
CAF ZVY D . 3.06 21.60 9.13
CAG ZVY D . 4.50 22.61 10.78
CAH ZVY D . 2.38 22.81 9.03
CAI ZVY D . 2.09 32.96 8.30
CAJ ZVY D . 1.31 30.95 7.42
CAK ZVY D . 1.08 31.30 13.56
CAL ZVY D . 1.84 32.53 9.61
CAM ZVY D . 1.04 30.53 8.73
CAN ZVY D . 1.34 31.71 12.24
CAO ZVY D . 0.20 29.20 12.75
CAP ZVY D . 2.07 27.35 10.52
CAQ ZVY D . 0.16 26.51 9.23
CAR ZVY D . 2.42 25.95 10.93
CAS ZVY D . 0.63 25.08 9.42
CAT ZVY D . -0.67 28.72 15.53
CAU ZVY D . 0.09 28.67 10.29
NAV ZVY D . 3.79 23.74 10.67
OAW ZVY D . 0.29 29.67 15.13
CAX ZVY D . -0.02 27.37 15.53
CAY ZVY D . 1.83 32.19 7.21
CAZ ZVY D . 0.52 30.04 13.82
CBA ZVY D . 1.30 31.30 9.86
CBB ZVY D . 0.47 29.61 11.44
CBC ZVY D . 2.75 23.89 9.82
CBD ZVY D . 1.04 30.86 11.16
NBE ZVY D . 0.60 27.30 10.41
NBF ZVY D . 2.09 25.15 9.74
P PO4 E . -0.25 -10.31 -21.29
O1 PO4 E . 0.65 -11.07 -22.22
O2 PO4 E . -1.08 -11.34 -20.58
O3 PO4 E . -1.06 -9.34 -22.13
O4 PO4 E . 0.51 -9.53 -20.26
NAA ZVY F . -8.20 3.70 -32.34
OAB ZVY F . -4.80 -7.44 -29.94
OAC ZVY F . -2.66 -7.60 -29.51
CAD ZVY F . -7.74 2.63 -32.38
CAE ZVY F . -6.93 -4.59 -22.34
CAF ZVY F . -5.96 -3.59 -22.40
CAG ZVY F . -7.54 -5.04 -23.52
CAH ZVY F . -5.60 -3.07 -23.66
CAI ZVY F . -7.46 0.55 -33.44
CAJ ZVY F . -6.60 0.92 -31.31
CAK ZVY F . -5.56 -4.71 -33.46
CAL ZVY F . -6.98 -0.76 -33.42
CAM ZVY F . -6.12 -0.39 -31.30
CAN ZVY F . -6.03 -3.40 -33.41
CAO ZVY F . -4.61 -4.40 -31.26
CAP ZVY F . -6.31 -3.23 -28.45
CAQ ZVY F . -4.38 -1.91 -27.68
CAR ZVY F . -6.28 -4.01 -27.15
CAS ZVY F . -4.52 -2.52 -26.28
CAT ZVY F . -3.24 -6.90 -31.68
CAU ZVY F . -4.78 -2.22 -30.00
NAV ZVY F . -7.19 -4.51 -24.72
OAW ZVY F . -4.41 -6.51 -32.42
CAX ZVY F . -3.59 -7.34 -30.28
CAY ZVY F . -7.28 1.42 -32.38
CAZ ZVY F . -4.86 -5.22 -32.38
CBA ZVY F . -6.28 -1.26 -32.35
CBB ZVY F . -5.07 -3.08 -31.22
CBC ZVY F . -6.22 -3.56 -24.84
CBD ZVY F . -5.79 -2.57 -32.32
NBE ZVY F . -4.91 -2.86 -28.70
NBF ZVY F . -5.91 -3.05 -26.11
#